data_3NEL
#
_entry.id   3NEL
#
_cell.length_a   124.956
_cell.length_b   125.4880
_cell.length_c   87.6340
_cell.angle_alpha   90.00
_cell.angle_beta   90.00
_cell.angle_gamma   90.00
#
_symmetry.space_group_name_H-M   'P 21 21 2'
#
loop_
_entity.id
_entity.type
_entity.pdbx_description
1 polymer 'Aspartyl-tRNA synthetase'
2 non-polymer 'ASPARTIC ACID'
3 water water
#
_entity_poly.entity_id   1
_entity_poly.type   'polypeptide(L)'
_entity_poly.pdbx_seq_one_letter_code
;MYRTHYSSEITEELNGQKVKVAGWVWEVKDLGGIKFLWIRDRDGIVQITAPKKKVDPELFKLIPKLRSEDVVAVEGVVNF
TPKAKLGFEILPEKIVVLNRAETPLPLDPTGKVKAELDTRLDNRFMDLRRPEVMAIFKIRSSVFKAVRDFFHENGFIEIH
TPKIIATATEGGTELFPMKYFEEDAFLAQSPQLYKQIMMASGLDRVYEIAPIFRAEEHNTTRHLNEAWSIDSEMAFIEDE
EEVMSFLERLVAHAINYVREHNAKELDILNFELEEPKLPFPRVSYDKALEILGDLGKEIPWGEDIDTEGERLLGKYMMEN
ENAPLYFLYQYPSEAKPFYIMKYDNKPEICRAFDLEYRGVEISSGGQREHRHDILVEQIKEKGLNPESFEFYLKAFRYGM
PPHGGFGLGAERLIKQMLDLPNIREVILFPRDRRRLTP
;
_entity_poly.pdbx_strand_id   A,B
#
# COMPACT_ATOMS: atom_id res chain seq x y z
N MET A 1 -18.09 -2.82 -22.09
CA MET A 1 -17.84 -1.48 -21.57
C MET A 1 -18.41 -0.44 -22.53
N TYR A 2 -18.76 0.73 -22.00
CA TYR A 2 -19.32 1.80 -22.81
C TYR A 2 -18.25 2.64 -23.51
N ARG A 3 -16.99 2.33 -23.26
CA ARG A 3 -15.87 3.04 -23.86
C ARG A 3 -14.76 2.08 -24.28
N THR A 4 -14.12 2.37 -25.40
CA THR A 4 -13.00 1.56 -25.86
C THR A 4 -11.71 2.40 -25.75
N HIS A 5 -11.88 3.73 -25.88
CA HIS A 5 -10.75 4.66 -25.84
C HIS A 5 -11.00 5.92 -25.05
N TYR A 6 -9.96 6.38 -24.35
CA TYR A 6 -10.00 7.64 -23.63
C TYR A 6 -9.55 8.67 -24.66
N SER A 7 -9.85 9.94 -24.41
CA SER A 7 -9.50 11.03 -25.32
C SER A 7 -8.01 11.05 -25.71
N SER A 8 -7.16 10.63 -24.78
CA SER A 8 -5.72 10.61 -25.01
C SER A 8 -5.21 9.37 -25.74
N GLU A 9 -6.07 8.38 -25.93
CA GLU A 9 -5.68 7.13 -26.59
C GLU A 9 -6.00 7.05 -28.08
N ILE A 10 -6.57 8.11 -28.62
CA ILE A 10 -6.93 8.15 -30.04
C ILE A 10 -5.84 8.84 -30.87
N THR A 11 -5.20 8.06 -31.74
CA THR A 11 -4.12 8.58 -32.57
C THR A 11 -4.34 8.33 -34.06
N GLU A 12 -3.38 8.80 -34.87
CA GLU A 12 -3.40 8.68 -36.32
C GLU A 12 -3.77 7.29 -36.83
N GLU A 13 -3.18 6.26 -36.22
CA GLU A 13 -3.40 4.86 -36.59
C GLU A 13 -4.86 4.41 -36.57
N LEU A 14 -5.72 5.15 -35.87
CA LEU A 14 -7.13 4.79 -35.78
C LEU A 14 -8.05 5.59 -36.70
N ASN A 15 -7.47 6.46 -37.53
CA ASN A 15 -8.27 7.29 -38.42
C ASN A 15 -9.19 6.47 -39.33
N GLY A 16 -10.48 6.83 -39.30
CA GLY A 16 -11.48 6.13 -40.10
C GLY A 16 -12.06 4.90 -39.43
N GLN A 17 -11.57 4.59 -38.24
CA GLN A 17 -12.05 3.43 -37.49
C GLN A 17 -13.09 3.80 -36.42
N LYS A 18 -13.92 2.83 -36.06
CA LYS A 18 -14.94 3.00 -35.05
C LYS A 18 -14.37 2.82 -33.67
N VAL A 19 -14.80 3.68 -32.76
CA VAL A 19 -14.37 3.66 -31.37
C VAL A 19 -15.56 4.03 -30.51
N LYS A 20 -15.42 3.89 -29.21
CA LYS A 20 -16.46 4.25 -28.26
C LYS A 20 -15.83 5.14 -27.19
N VAL A 21 -16.36 6.35 -27.04
CA VAL A 21 -15.86 7.28 -26.04
C VAL A 21 -16.99 7.56 -25.06
N ALA A 22 -16.64 7.97 -23.85
CA ALA A 22 -17.65 8.26 -22.83
C ALA A 22 -17.12 9.27 -21.82
N GLY A 23 -18.03 10.03 -21.22
CA GLY A 23 -17.63 11.02 -20.25
C GLY A 23 -18.77 11.94 -19.85
N TRP A 24 -18.42 13.14 -19.40
CA TRP A 24 -19.38 14.14 -18.97
C TRP A 24 -19.57 15.25 -20.02
N VAL A 25 -20.80 15.69 -20.19
CA VAL A 25 -21.11 16.76 -21.16
C VAL A 25 -20.44 18.09 -20.78
N TRP A 26 -19.54 18.54 -21.65
CA TRP A 26 -18.77 19.77 -21.47
C TRP A 26 -19.40 20.98 -22.15
N GLU A 27 -19.78 20.82 -23.42
CA GLU A 27 -20.40 21.92 -24.17
C GLU A 27 -21.21 21.41 -25.34
N VAL A 28 -22.31 22.10 -25.62
CA VAL A 28 -23.18 21.75 -26.75
C VAL A 28 -23.41 23.00 -27.59
N LYS A 29 -23.26 22.85 -28.90
CA LYS A 29 -23.47 23.95 -29.83
C LYS A 29 -24.67 23.52 -30.69
N ASP A 30 -25.82 24.10 -30.38
CA ASP A 30 -27.07 23.80 -31.05
C ASP A 30 -27.29 24.77 -32.23
N LEU A 31 -26.96 24.30 -33.43
CA LEU A 31 -27.12 25.10 -34.64
C LEU A 31 -28.09 24.39 -35.59
N GLY A 32 -28.73 25.17 -36.45
CA GLY A 32 -29.70 24.60 -37.39
C GLY A 32 -29.25 23.48 -38.31
N GLY A 33 -28.08 23.62 -38.93
CA GLY A 33 -27.61 22.59 -39.84
C GLY A 33 -26.57 21.65 -39.28
N ILE A 34 -26.17 21.88 -38.03
CA ILE A 34 -25.13 21.05 -37.42
C ILE A 34 -25.15 21.17 -35.91
N LYS A 35 -24.69 20.12 -35.24
CA LYS A 35 -24.60 20.15 -33.79
C LYS A 35 -23.23 19.65 -33.38
N PHE A 36 -22.64 20.35 -32.41
CA PHE A 36 -21.33 20.00 -31.88
C PHE A 36 -21.50 19.60 -30.42
N LEU A 37 -20.84 18.52 -30.03
CA LEU A 37 -20.92 18.01 -28.67
C LEU A 37 -19.50 17.73 -28.17
N TRP A 38 -19.16 18.30 -27.02
CA TRP A 38 -17.85 18.06 -26.41
C TRP A 38 -18.07 17.33 -25.09
N ILE A 39 -17.39 16.21 -24.90
CA ILE A 39 -17.50 15.47 -23.65
C ILE A 39 -16.12 15.41 -23.02
N ARG A 40 -16.08 15.41 -21.71
CA ARG A 40 -14.83 15.39 -20.95
C ARG A 40 -14.63 14.08 -20.19
N ASP A 41 -13.46 13.45 -20.37
CA ASP A 41 -13.13 12.25 -19.61
C ASP A 41 -11.93 12.60 -18.73
N ARG A 42 -11.34 11.60 -18.06
CA ARG A 42 -10.22 11.91 -17.16
C ARG A 42 -8.98 12.53 -17.79
N ASP A 43 -8.79 12.31 -19.09
CA ASP A 43 -7.63 12.84 -19.81
C ASP A 43 -7.85 14.14 -20.58
N GLY A 44 -9.11 14.49 -20.84
CA GLY A 44 -9.38 15.71 -21.56
C GLY A 44 -10.74 15.77 -22.22
N ILE A 45 -10.82 16.56 -23.29
CA ILE A 45 -12.04 16.80 -24.06
C ILE A 45 -11.97 16.12 -25.43
N VAL A 46 -13.13 15.73 -25.96
CA VAL A 46 -13.20 15.11 -27.28
C VAL A 46 -14.40 15.73 -28.01
N GLN A 47 -14.18 16.08 -29.28
CA GLN A 47 -15.22 16.72 -30.08
C GLN A 47 -16.04 15.71 -30.88
N ILE A 48 -17.36 15.83 -30.79
CA ILE A 48 -18.31 14.98 -31.51
C ILE A 48 -18.97 15.94 -32.51
N THR A 49 -18.83 15.64 -33.81
CA THR A 49 -19.39 16.49 -34.86
C THR A 49 -20.56 15.80 -35.58
N ALA A 50 -21.72 16.45 -35.54
CA ALA A 50 -22.94 15.91 -36.15
C ALA A 50 -23.65 16.79 -37.18
N PRO A 51 -23.20 16.75 -38.44
CA PRO A 51 -23.84 17.56 -39.49
C PRO A 51 -25.22 16.95 -39.79
N LYS A 52 -26.22 17.79 -40.02
CA LYS A 52 -27.57 17.31 -40.28
C LYS A 52 -27.65 16.30 -41.44
N LYS A 53 -26.86 16.53 -42.48
CA LYS A 53 -26.84 15.66 -43.65
C LYS A 53 -26.21 14.29 -43.40
N LYS A 54 -25.40 14.15 -42.35
CA LYS A 54 -24.72 12.90 -42.09
C LYS A 54 -25.07 12.06 -40.87
N VAL A 55 -25.95 12.54 -40.01
CA VAL A 55 -26.34 11.77 -38.82
C VAL A 55 -27.80 11.37 -38.77
N ASP A 56 -28.08 10.32 -37.99
CA ASP A 56 -29.42 9.83 -37.77
C ASP A 56 -30.23 10.98 -37.16
N PRO A 57 -31.45 11.23 -37.67
CA PRO A 57 -32.35 12.30 -37.20
C PRO A 57 -32.56 12.30 -35.70
N GLU A 58 -32.71 11.12 -35.12
CA GLU A 58 -32.92 10.99 -33.68
C GLU A 58 -31.70 11.48 -32.92
N LEU A 59 -30.52 11.19 -33.45
CA LEU A 59 -29.27 11.60 -32.85
C LEU A 59 -29.16 13.11 -32.91
N PHE A 60 -29.56 13.68 -34.07
CA PHE A 60 -29.54 15.13 -34.30
C PHE A 60 -30.42 15.86 -33.28
N LYS A 61 -31.61 15.31 -33.01
CA LYS A 61 -32.55 15.92 -32.05
C LYS A 61 -32.16 15.69 -30.60
N LEU A 62 -31.41 14.62 -30.33
CA LEU A 62 -30.98 14.31 -28.97
C LEU A 62 -29.95 15.28 -28.39
N ILE A 63 -28.93 15.60 -29.19
CA ILE A 63 -27.86 16.49 -28.74
C ILE A 63 -28.29 17.78 -28.03
N PRO A 64 -29.21 18.57 -28.61
CA PRO A 64 -29.61 19.80 -27.90
C PRO A 64 -30.35 19.57 -26.57
N LYS A 65 -30.73 18.33 -26.29
CA LYS A 65 -31.41 18.00 -25.03
C LYS A 65 -30.40 17.73 -23.89
N LEU A 66 -29.16 17.46 -24.26
CA LEU A 66 -28.11 17.20 -23.28
C LEU A 66 -27.77 18.47 -22.48
N ARG A 67 -27.44 18.29 -21.19
CA ARG A 67 -27.09 19.40 -20.31
C ARG A 67 -25.71 19.18 -19.71
N SER A 68 -25.17 20.23 -19.09
CA SER A 68 -23.86 20.15 -18.47
C SER A 68 -23.76 19.04 -17.42
N GLU A 69 -22.68 18.28 -17.49
CA GLU A 69 -22.37 17.20 -16.57
C GLU A 69 -23.17 15.90 -16.69
N ASP A 70 -23.97 15.78 -17.75
CA ASP A 70 -24.70 14.53 -17.99
C ASP A 70 -23.63 13.54 -18.41
N VAL A 71 -23.82 12.27 -18.08
CA VAL A 71 -22.88 11.22 -18.45
C VAL A 71 -23.44 10.57 -19.72
N VAL A 72 -22.63 10.52 -20.76
CA VAL A 72 -23.04 9.96 -22.03
C VAL A 72 -21.95 9.06 -22.61
N ALA A 73 -22.36 8.18 -23.53
CA ALA A 73 -21.46 7.26 -24.23
C ALA A 73 -21.75 7.45 -25.71
N VAL A 74 -20.70 7.43 -26.52
CA VAL A 74 -20.83 7.66 -27.95
C VAL A 74 -20.02 6.68 -28.79
N GLU A 75 -20.66 6.04 -29.76
CA GLU A 75 -19.94 5.16 -30.66
C GLU A 75 -19.87 5.94 -31.97
N GLY A 76 -18.68 6.02 -32.57
CA GLY A 76 -18.54 6.76 -33.82
C GLY A 76 -17.25 6.50 -34.56
N VAL A 77 -17.08 7.19 -35.69
CA VAL A 77 -15.88 7.05 -36.52
C VAL A 77 -14.86 8.17 -36.29
N VAL A 78 -13.60 7.79 -36.13
CA VAL A 78 -12.52 8.74 -35.90
C VAL A 78 -12.21 9.48 -37.20
N ASN A 79 -12.16 10.81 -37.14
CA ASN A 79 -11.85 11.60 -38.32
C ASN A 79 -10.83 12.71 -38.03
N PHE A 80 -9.58 12.49 -38.43
CA PHE A 80 -8.53 13.48 -38.23
C PHE A 80 -8.70 14.62 -39.21
N THR A 81 -8.61 15.85 -38.71
CA THR A 81 -8.80 17.03 -39.52
C THR A 81 -8.22 18.28 -38.86
N PRO A 82 -7.63 19.19 -39.66
CA PRO A 82 -7.04 20.43 -39.17
C PRO A 82 -8.12 21.37 -38.61
N LYS A 83 -9.36 21.14 -39.04
CA LYS A 83 -10.52 21.93 -38.61
C LYS A 83 -10.87 21.73 -37.14
N ALA A 84 -10.41 20.64 -36.54
CA ALA A 84 -10.67 20.33 -35.13
C ALA A 84 -9.48 20.80 -34.30
N LYS A 85 -9.74 21.67 -33.33
CA LYS A 85 -8.71 22.24 -32.46
C LYS A 85 -7.85 21.17 -31.78
N LEU A 86 -8.41 19.99 -31.55
CA LEU A 86 -7.70 18.92 -30.89
C LEU A 86 -7.13 17.87 -31.86
N GLY A 87 -7.15 18.18 -33.15
CA GLY A 87 -6.61 17.27 -34.15
C GLY A 87 -7.58 16.29 -34.79
N PHE A 88 -8.64 15.92 -34.08
CA PHE A 88 -9.63 15.00 -34.62
C PHE A 88 -11.00 15.21 -34.01
N GLU A 89 -11.98 14.53 -34.59
CA GLU A 89 -13.37 14.61 -34.12
C GLU A 89 -14.00 13.23 -34.30
N ILE A 90 -15.13 13.01 -33.65
CA ILE A 90 -15.83 11.74 -33.74
C ILE A 90 -17.16 11.99 -34.46
N LEU A 91 -17.40 11.21 -35.51
CA LEU A 91 -18.63 11.27 -36.31
C LEU A 91 -19.51 10.18 -35.67
N PRO A 92 -20.49 10.60 -34.85
CA PRO A 92 -21.41 9.74 -34.11
C PRO A 92 -22.42 8.89 -34.87
N GLU A 93 -22.51 7.63 -34.46
CA GLU A 93 -23.46 6.67 -35.03
C GLU A 93 -24.50 6.36 -33.97
N LYS A 94 -24.09 6.42 -32.70
CA LYS A 94 -24.97 6.15 -31.55
C LYS A 94 -24.57 6.97 -30.33
N ILE A 95 -25.56 7.49 -29.62
CA ILE A 95 -25.34 8.25 -28.39
C ILE A 95 -26.31 7.74 -27.33
N VAL A 96 -25.77 7.40 -26.16
CA VAL A 96 -26.56 6.89 -25.04
C VAL A 96 -26.40 7.81 -23.83
N VAL A 97 -27.53 8.18 -23.21
CA VAL A 97 -27.47 9.01 -22.01
C VAL A 97 -27.50 8.04 -20.81
N LEU A 98 -26.34 7.93 -20.13
CA LEU A 98 -26.21 7.04 -18.99
C LEU A 98 -26.79 7.57 -17.67
N ASN A 99 -26.66 8.87 -17.43
CA ASN A 99 -27.19 9.49 -16.21
C ASN A 99 -27.24 11.01 -16.37
N ARG A 100 -28.28 11.62 -15.81
CA ARG A 100 -28.48 13.07 -15.90
C ARG A 100 -28.09 13.80 -14.61
N ALA A 101 -27.47 14.97 -14.78
CA ALA A 101 -27.01 15.79 -13.66
C ALA A 101 -28.01 16.86 -13.26
N GLU A 102 -28.05 17.15 -11.96
CA GLU A 102 -28.94 18.19 -11.44
C GLU A 102 -28.20 19.54 -11.44
N THR A 103 -28.97 20.63 -11.28
CA THR A 103 -28.41 21.97 -11.20
C THR A 103 -29.07 22.63 -10.00
N PRO A 104 -28.36 23.53 -9.31
CA PRO A 104 -26.98 23.91 -9.63
C PRO A 104 -25.97 22.90 -9.10
N LEU A 105 -24.77 22.93 -9.67
CA LEU A 105 -23.69 22.03 -9.25
C LEU A 105 -23.08 22.55 -7.93
N PRO A 106 -22.50 21.63 -7.12
CA PRO A 106 -21.90 22.03 -5.84
C PRO A 106 -20.70 22.94 -6.06
N LEU A 107 -19.98 22.68 -7.16
CA LEU A 107 -18.80 23.46 -7.54
C LEU A 107 -18.88 23.73 -9.04
N ASP A 108 -18.06 24.66 -9.53
CA ASP A 108 -18.00 25.01 -10.96
C ASP A 108 -16.83 24.30 -11.66
N PRO A 109 -17.13 23.28 -12.48
CA PRO A 109 -16.14 22.49 -13.22
C PRO A 109 -15.38 23.27 -14.31
N THR A 110 -15.86 24.46 -14.66
CA THR A 110 -15.22 25.28 -15.69
C THR A 110 -14.10 26.14 -15.12
N GLY A 111 -14.04 26.25 -13.80
CA GLY A 111 -13.00 27.02 -13.15
C GLY A 111 -13.23 28.52 -13.11
N LYS A 112 -14.35 28.97 -13.67
CA LYS A 112 -14.68 30.40 -13.70
C LYS A 112 -14.96 30.96 -12.31
N VAL A 113 -15.88 30.33 -11.59
CA VAL A 113 -16.26 30.74 -10.23
C VAL A 113 -15.42 29.94 -9.24
N LYS A 114 -14.50 30.61 -8.55
CA LYS A 114 -13.62 29.96 -7.58
C LYS A 114 -14.38 29.64 -6.29
N ALA A 115 -14.00 28.52 -5.65
CA ALA A 115 -14.64 28.13 -4.40
C ALA A 115 -13.55 27.95 -3.35
N GLU A 116 -13.92 28.16 -2.08
CA GLU A 116 -12.97 28.02 -0.98
C GLU A 116 -12.57 26.56 -0.80
N LEU A 117 -11.39 26.34 -0.22
CA LEU A 117 -10.89 24.98 0.00
C LEU A 117 -11.89 24.09 0.71
N ASP A 118 -12.55 24.60 1.75
CA ASP A 118 -13.53 23.81 2.50
C ASP A 118 -14.68 23.27 1.65
N THR A 119 -15.18 24.09 0.72
CA THR A 119 -16.28 23.68 -0.16
C THR A 119 -15.82 22.59 -1.13
N ARG A 120 -14.61 22.76 -1.63
CA ARG A 120 -14.02 21.80 -2.56
C ARG A 120 -13.78 20.46 -1.87
N LEU A 121 -13.34 20.53 -0.61
CA LEU A 121 -13.09 19.32 0.17
C LEU A 121 -14.42 18.63 0.49
N ASP A 122 -15.47 19.41 0.68
CA ASP A 122 -16.79 18.86 0.95
C ASP A 122 -17.41 18.22 -0.30
N ASN A 123 -16.83 18.52 -1.47
CA ASN A 123 -17.32 18.01 -2.75
C ASN A 123 -16.20 17.53 -3.67
N ARG A 124 -15.42 16.56 -3.19
CA ARG A 124 -14.30 16.03 -3.97
C ARG A 124 -14.60 15.41 -5.34
N PHE A 125 -15.78 14.82 -5.48
CA PHE A 125 -16.18 14.20 -6.75
C PHE A 125 -16.27 15.27 -7.86
N MET A 126 -16.71 16.47 -7.47
CA MET A 126 -16.82 17.60 -8.38
C MET A 126 -15.44 18.23 -8.59
N ASP A 127 -14.69 18.38 -7.50
CA ASP A 127 -13.37 18.99 -7.53
C ASP A 127 -12.38 18.35 -8.51
N LEU A 128 -12.35 17.01 -8.57
CA LEU A 128 -11.43 16.30 -9.47
C LEU A 128 -11.78 16.38 -10.95
N ARG A 129 -12.93 16.94 -11.28
CA ARG A 129 -13.33 17.09 -12.68
C ARG A 129 -12.51 18.24 -13.29
N ARG A 130 -11.86 19.03 -12.45
CA ARG A 130 -11.00 20.13 -12.92
C ARG A 130 -9.61 19.56 -13.15
N PRO A 131 -9.05 19.75 -14.36
CA PRO A 131 -7.73 19.25 -14.76
C PRO A 131 -6.59 19.49 -13.77
N GLU A 132 -6.59 20.65 -13.14
CA GLU A 132 -5.55 21.01 -12.17
C GLU A 132 -5.61 20.16 -10.90
N VAL A 133 -6.80 19.70 -10.51
CA VAL A 133 -6.96 18.87 -9.31
C VAL A 133 -6.70 17.41 -9.66
N MET A 134 -7.26 16.94 -10.77
CA MET A 134 -7.04 15.57 -11.22
C MET A 134 -5.54 15.33 -11.41
N ALA A 135 -4.83 16.36 -11.85
CA ALA A 135 -3.39 16.28 -12.08
C ALA A 135 -2.61 15.90 -10.82
N ILE A 136 -3.00 16.46 -9.69
CA ILE A 136 -2.36 16.18 -8.41
C ILE A 136 -2.53 14.71 -8.02
N PHE A 137 -3.74 14.20 -8.17
CA PHE A 137 -3.99 12.81 -7.81
C PHE A 137 -3.40 11.76 -8.73
N LYS A 138 -3.23 12.08 -10.01
CA LYS A 138 -2.57 11.16 -10.92
C LYS A 138 -1.09 11.11 -10.51
N ILE A 139 -0.54 12.28 -10.15
CA ILE A 139 0.85 12.37 -9.72
C ILE A 139 1.07 11.61 -8.40
N ARG A 140 0.11 11.73 -7.48
CA ARG A 140 0.20 11.02 -6.20
C ARG A 140 0.34 9.52 -6.45
N SER A 141 -0.52 8.99 -7.32
CA SER A 141 -0.48 7.58 -7.67
C SER A 141 0.86 7.18 -8.31
N SER A 142 1.42 8.06 -9.14
CA SER A 142 2.72 7.79 -9.77
C SER A 142 3.87 7.71 -8.76
N VAL A 143 3.84 8.62 -7.78
CA VAL A 143 4.85 8.69 -6.73
C VAL A 143 4.87 7.36 -5.94
N PHE A 144 3.69 6.86 -5.59
CA PHE A 144 3.59 5.61 -4.85
C PHE A 144 4.18 4.47 -5.66
N LYS A 145 3.85 4.42 -6.96
CA LYS A 145 4.38 3.38 -7.82
C LYS A 145 5.91 3.43 -7.96
N ALA A 146 6.44 4.63 -8.17
CA ALA A 146 7.89 4.83 -8.31
C ALA A 146 8.65 4.35 -7.07
N VAL A 147 8.12 4.73 -5.89
CA VAL A 147 8.71 4.35 -4.60
C VAL A 147 8.79 2.83 -4.45
N ARG A 148 7.67 2.14 -4.68
CA ARG A 148 7.63 0.67 -4.57
C ARG A 148 8.57 -0.01 -5.54
N ASP A 149 8.62 0.47 -6.78
CA ASP A 149 9.51 -0.09 -7.81
C ASP A 149 10.97 0.05 -7.40
N PHE A 150 11.33 1.20 -6.84
CA PHE A 150 12.71 1.41 -6.40
C PHE A 150 13.05 0.44 -5.27
N PHE A 151 12.13 0.27 -4.33
CA PHE A 151 12.33 -0.66 -3.22
C PHE A 151 12.57 -2.07 -3.74
N HIS A 152 11.71 -2.52 -4.66
CA HIS A 152 11.84 -3.87 -5.21
C HIS A 152 13.13 -4.07 -6.00
N GLU A 153 13.55 -3.06 -6.76
CA GLU A 153 14.78 -3.13 -7.55
C GLU A 153 16.02 -3.27 -6.66
N ASN A 154 15.91 -2.77 -5.43
CA ASN A 154 17.01 -2.83 -4.48
C ASN A 154 16.93 -3.95 -3.43
N GLY A 155 16.13 -4.99 -3.70
CA GLY A 155 16.02 -6.11 -2.78
C GLY A 155 15.19 -5.95 -1.53
N PHE A 156 14.30 -4.96 -1.50
CA PHE A 156 13.44 -4.74 -0.34
C PHE A 156 12.14 -5.53 -0.44
N ILE A 157 11.75 -6.13 0.68
CA ILE A 157 10.52 -6.92 0.77
C ILE A 157 9.46 -6.10 1.51
N GLU A 158 8.24 -6.09 0.99
CA GLU A 158 7.16 -5.34 1.61
C GLU A 158 6.58 -6.05 2.84
N ILE A 159 6.37 -5.30 3.92
CA ILE A 159 5.79 -5.86 5.13
C ILE A 159 4.59 -5.03 5.55
N HIS A 160 3.77 -5.59 6.44
CA HIS A 160 2.56 -4.95 6.93
C HIS A 160 2.49 -5.19 8.43
N THR A 161 2.46 -4.10 9.19
CA THR A 161 2.44 -4.16 10.65
C THR A 161 1.22 -3.45 11.24
N PRO A 162 0.78 -3.86 12.44
CA PRO A 162 -0.38 -3.32 13.16
C PRO A 162 -0.54 -1.83 13.39
N LYS A 163 -1.78 -1.36 13.21
CA LYS A 163 -2.14 0.05 13.41
C LYS A 163 -2.82 0.25 14.76
N ILE A 164 -3.19 -0.85 15.41
CA ILE A 164 -3.81 -0.79 16.73
C ILE A 164 -2.75 -1.37 17.66
N ILE A 165 -2.27 -0.54 18.59
CA ILE A 165 -1.20 -0.95 19.51
C ILE A 165 -1.44 -0.60 20.97
N ALA A 166 -0.74 -1.30 21.85
CA ALA A 166 -0.84 -1.08 23.30
C ALA A 166 0.19 -0.05 23.77
N THR A 167 1.39 -0.09 23.17
CA THR A 167 2.49 0.82 23.52
C THR A 167 2.66 1.96 22.51
N ALA A 168 2.62 3.20 23.00
CA ALA A 168 2.78 4.38 22.15
C ALA A 168 4.11 4.28 21.38
N THR A 169 3.99 4.09 20.07
CA THR A 169 5.15 3.92 19.20
C THR A 169 6.06 5.13 19.00
N GLU A 170 5.58 6.32 19.38
CA GLU A 170 6.39 7.54 19.26
C GLU A 170 6.44 8.46 20.50
N GLY A 171 5.54 8.26 21.46
CA GLY A 171 5.59 9.10 22.66
C GLY A 171 4.33 9.58 23.38
N GLY A 172 4.43 10.78 23.94
CA GLY A 172 3.32 11.38 24.67
C GLY A 172 2.61 12.43 23.85
N THR A 173 1.32 12.65 24.15
CA THR A 173 0.46 13.60 23.43
C THR A 173 0.48 13.32 21.92
N GLU A 174 -0.41 13.98 21.17
CA GLU A 174 -0.50 13.77 19.72
C GLU A 174 -0.66 12.27 19.46
N LEU A 175 -1.52 11.66 20.27
CA LEU A 175 -1.77 10.24 20.22
C LEU A 175 -3.29 10.03 20.26
N PHE A 176 -3.78 9.04 19.52
CA PHE A 176 -5.20 8.73 19.50
C PHE A 176 -5.52 7.52 20.37
N PRO A 177 -6.07 7.76 21.57
CA PRO A 177 -6.43 6.70 22.52
C PRO A 177 -7.66 5.96 22.00
N MET A 178 -7.60 4.64 21.99
CA MET A 178 -8.74 3.86 21.53
C MET A 178 -8.88 2.60 22.38
N LYS A 179 -10.12 2.20 22.59
CA LYS A 179 -10.45 1.03 23.38
C LYS A 179 -10.40 -0.24 22.50
N TYR A 180 -9.68 -1.26 22.96
CA TYR A 180 -9.62 -2.52 22.22
C TYR A 180 -10.29 -3.54 23.13
N PHE A 181 -11.61 -3.61 23.05
CA PHE A 181 -12.41 -4.49 23.90
C PHE A 181 -12.18 -4.00 25.34
N GLU A 182 -11.59 -4.84 26.19
CA GLU A 182 -11.35 -4.41 27.57
C GLU A 182 -10.08 -3.57 27.71
N GLU A 183 -9.10 -3.84 26.84
CA GLU A 183 -7.82 -3.16 26.88
C GLU A 183 -7.81 -1.72 26.38
N ASP A 184 -6.84 -0.96 26.88
CA ASP A 184 -6.64 0.43 26.46
C ASP A 184 -5.61 0.29 25.34
N ALA A 185 -5.81 1.00 24.25
CA ALA A 185 -4.88 0.94 23.13
C ALA A 185 -4.76 2.31 22.48
N PHE A 186 -3.99 2.39 21.39
CA PHE A 186 -3.79 3.65 20.66
C PHE A 186 -3.66 3.33 19.18
N LEU A 187 -3.86 4.35 18.34
CA LEU A 187 -3.68 4.17 16.90
C LEU A 187 -2.17 4.41 16.73
N ALA A 188 -1.53 3.65 15.84
CA ALA A 188 -0.10 3.79 15.64
C ALA A 188 0.32 5.09 14.96
N GLN A 189 1.37 5.71 15.50
CA GLN A 189 1.94 6.95 14.96
C GLN A 189 3.06 6.59 14.00
N SER A 190 3.51 5.33 14.09
CA SER A 190 4.63 4.86 13.28
C SER A 190 4.83 3.35 13.44
N PRO A 191 5.42 2.69 12.42
CA PRO A 191 5.70 1.25 12.42
C PRO A 191 7.09 1.00 13.02
N GLN A 192 7.67 2.03 13.61
CA GLN A 192 9.01 2.01 14.20
C GLN A 192 9.43 0.75 14.97
N LEU A 193 8.68 0.42 16.01
CA LEU A 193 9.01 -0.75 16.82
C LEU A 193 8.93 -2.04 16.01
N TYR A 194 7.96 -2.14 15.11
CA TYR A 194 7.82 -3.33 14.29
C TYR A 194 8.89 -3.51 13.21
N LYS A 195 9.24 -2.43 12.50
CA LYS A 195 10.27 -2.55 11.46
C LYS A 195 11.63 -2.90 12.06
N GLN A 196 11.86 -2.47 13.30
CA GLN A 196 13.10 -2.82 13.99
C GLN A 196 13.10 -4.28 14.40
N ILE A 197 11.99 -4.75 14.97
CA ILE A 197 11.86 -6.16 15.37
C ILE A 197 12.16 -7.06 14.19
N MET A 198 11.72 -6.67 13.01
CA MET A 198 11.95 -7.46 11.80
C MET A 198 13.42 -7.49 11.34
N MET A 199 14.24 -6.60 11.86
CA MET A 199 15.66 -6.60 11.49
C MET A 199 16.40 -7.79 12.10
N ALA A 200 15.79 -8.41 13.11
CA ALA A 200 16.35 -9.59 13.77
C ALA A 200 15.78 -10.88 13.14
N SER A 201 14.95 -10.74 12.11
CA SER A 201 14.33 -11.90 11.46
C SER A 201 15.08 -12.45 10.26
N GLY A 202 15.96 -11.62 9.69
CA GLY A 202 16.69 -12.03 8.51
C GLY A 202 16.12 -11.37 7.27
N LEU A 203 14.95 -10.73 7.39
CA LEU A 203 14.36 -10.04 6.25
C LEU A 203 15.35 -9.01 5.71
N ASP A 204 16.09 -8.36 6.62
CA ASP A 204 17.14 -7.39 6.29
C ASP A 204 16.76 -6.06 5.67
N ARG A 205 15.96 -6.12 4.61
CA ARG A 205 15.56 -4.92 3.85
C ARG A 205 14.05 -4.92 3.70
N VAL A 206 13.39 -4.08 4.49
CA VAL A 206 11.94 -3.99 4.49
C VAL A 206 11.39 -2.60 4.23
N TYR A 207 10.13 -2.55 3.82
CA TYR A 207 9.44 -1.28 3.61
C TYR A 207 7.95 -1.46 3.86
N GLU A 208 7.31 -0.39 4.29
CA GLU A 208 5.88 -0.40 4.53
C GLU A 208 5.31 0.95 4.18
N ILE A 209 4.22 0.95 3.43
CA ILE A 209 3.53 2.17 3.04
C ILE A 209 2.13 2.00 3.59
N ALA A 210 1.81 2.74 4.65
CA ALA A 210 0.52 2.62 5.30
C ALA A 210 0.17 3.85 6.09
N PRO A 211 -1.10 3.98 6.53
CA PRO A 211 -1.51 5.14 7.30
C PRO A 211 -0.95 5.18 8.72
N ILE A 212 -0.77 6.40 9.21
CA ILE A 212 -0.27 6.66 10.57
C ILE A 212 -1.23 7.71 11.13
N PHE A 213 -1.36 7.77 12.46
CA PHE A 213 -2.29 8.70 13.08
C PHE A 213 -1.64 9.45 14.24
N ARG A 214 -1.74 10.77 14.22
CA ARG A 214 -1.16 11.62 15.26
C ARG A 214 -2.12 12.75 15.55
N ALA A 215 -2.47 12.94 16.82
CA ALA A 215 -3.41 13.98 17.23
C ALA A 215 -2.82 15.34 17.62
N GLU A 216 -2.44 16.14 16.62
CA GLU A 216 -1.88 17.47 16.91
C GLU A 216 -3.02 18.44 17.22
N GLU A 217 -2.77 19.31 18.20
CA GLU A 217 -3.76 20.29 18.64
C GLU A 217 -4.04 21.47 17.73
N HIS A 218 -3.08 21.82 16.87
CA HIS A 218 -3.27 22.97 15.99
C HIS A 218 -3.16 22.70 14.49
N ASN A 219 -4.02 23.38 13.73
CA ASN A 219 -4.05 23.26 12.28
C ASN A 219 -2.91 24.03 11.63
N THR A 220 -2.25 23.41 10.65
CA THR A 220 -1.19 24.05 9.89
C THR A 220 -1.34 23.55 8.46
N THR A 221 -0.62 24.19 7.55
CA THR A 221 -0.66 23.81 6.15
C THR A 221 0.34 22.69 5.82
N ARG A 222 1.11 22.27 6.82
CA ARG A 222 2.14 21.23 6.62
C ARG A 222 1.89 19.86 7.28
N HIS A 223 0.78 19.71 7.99
CA HIS A 223 0.49 18.43 8.62
C HIS A 223 -1.00 18.12 8.81
N LEU A 224 -1.30 16.83 8.95
CA LEU A 224 -2.67 16.35 9.15
C LEU A 224 -2.68 15.24 10.20
N ASN A 225 -3.86 14.99 10.77
CA ASN A 225 -4.02 13.96 11.80
C ASN A 225 -3.96 12.53 11.26
N GLU A 226 -4.16 12.39 9.96
CA GLU A 226 -4.08 11.09 9.31
C GLU A 226 -3.17 11.27 8.10
N ALA A 227 -2.18 10.39 7.97
CA ALA A 227 -1.24 10.51 6.88
C ALA A 227 -0.76 9.15 6.41
N TRP A 228 -0.11 9.13 5.26
CA TRP A 228 0.44 7.91 4.71
C TRP A 228 1.97 8.01 4.82
N SER A 229 2.56 7.06 5.53
CA SER A 229 4.00 7.05 5.73
C SER A 229 4.68 5.95 4.94
N ILE A 230 5.82 6.30 4.35
CA ILE A 230 6.65 5.37 3.59
C ILE A 230 7.83 5.05 4.51
N ASP A 231 7.77 3.89 5.14
CA ASP A 231 8.81 3.44 6.07
C ASP A 231 9.73 2.38 5.52
N SER A 232 10.98 2.39 6.00
CA SER A 232 11.96 1.41 5.57
C SER A 232 12.98 1.21 6.67
N GLU A 233 13.57 0.02 6.71
CA GLU A 233 14.60 -0.31 7.69
C GLU A 233 15.51 -1.31 6.98
N MET A 234 16.81 -1.15 7.16
CA MET A 234 17.80 -2.02 6.51
C MET A 234 18.91 -2.39 7.48
N ALA A 235 19.31 -3.66 7.44
CA ALA A 235 20.34 -4.18 8.33
C ALA A 235 21.71 -4.32 7.68
N PHE A 236 22.71 -4.55 8.53
CA PHE A 236 24.11 -4.72 8.14
C PHE A 236 24.79 -3.45 7.60
N ILE A 237 24.25 -2.31 8.03
CA ILE A 237 24.81 -1.01 7.65
C ILE A 237 25.98 -0.72 8.59
N GLU A 238 26.85 0.20 8.21
CA GLU A 238 28.01 0.57 9.01
C GLU A 238 27.83 1.95 9.61
N ASP A 239 26.95 2.76 9.03
CA ASP A 239 26.65 4.09 9.55
C ASP A 239 25.39 4.67 8.91
N GLU A 240 24.88 5.76 9.47
CA GLU A 240 23.65 6.37 8.96
C GLU A 240 23.74 6.94 7.54
N GLU A 241 24.95 7.17 7.06
CA GLU A 241 25.16 7.69 5.72
C GLU A 241 24.71 6.67 4.66
N GLU A 242 24.76 5.38 5.00
CA GLU A 242 24.33 4.33 4.08
C GLU A 242 22.81 4.43 3.86
N VAL A 243 22.10 4.83 4.91
CA VAL A 243 20.64 5.00 4.88
C VAL A 243 20.29 6.29 4.13
N MET A 244 21.03 7.37 4.40
CA MET A 244 20.80 8.65 3.72
C MET A 244 21.02 8.54 2.21
N SER A 245 22.01 7.74 1.83
CA SER A 245 22.34 7.51 0.42
C SER A 245 21.16 6.81 -0.27
N PHE A 246 20.56 5.84 0.42
CA PHE A 246 19.42 5.12 -0.13
C PHE A 246 18.17 5.99 -0.24
N LEU A 247 17.95 6.80 0.78
CA LEU A 247 16.79 7.70 0.83
C LEU A 247 16.85 8.73 -0.30
N GLU A 248 18.01 9.29 -0.58
CA GLU A 248 18.10 10.31 -1.63
C GLU A 248 17.91 9.68 -3.01
N ARG A 249 18.43 8.47 -3.19
CA ARG A 249 18.26 7.78 -4.46
C ARG A 249 16.77 7.43 -4.68
N LEU A 250 16.08 7.11 -3.58
CA LEU A 250 14.66 6.78 -3.64
C LEU A 250 13.85 8.02 -4.02
N VAL A 251 14.09 9.13 -3.33
CA VAL A 251 13.37 10.37 -3.59
C VAL A 251 13.67 10.87 -5.01
N ALA A 252 14.91 10.72 -5.45
CA ALA A 252 15.32 11.13 -6.79
C ALA A 252 14.56 10.31 -7.85
N HIS A 253 14.45 9.00 -7.60
CA HIS A 253 13.74 8.10 -8.51
C HIS A 253 12.28 8.52 -8.62
N ALA A 254 11.67 8.89 -7.49
CA ALA A 254 10.28 9.32 -7.48
C ALA A 254 10.08 10.63 -8.27
N ILE A 255 11.01 11.56 -8.10
CA ILE A 255 10.93 12.84 -8.80
C ILE A 255 11.10 12.64 -10.31
N ASN A 256 12.06 11.82 -10.70
CA ASN A 256 12.32 11.57 -12.11
C ASN A 256 11.20 10.83 -12.82
N TYR A 257 10.49 9.96 -12.09
CA TYR A 257 9.39 9.21 -12.68
C TYR A 257 8.26 10.18 -13.00
N VAL A 258 8.03 11.14 -12.10
CA VAL A 258 6.99 12.14 -12.30
C VAL A 258 7.36 13.05 -13.48
N ARG A 259 8.63 13.44 -13.59
CA ARG A 259 9.09 14.30 -14.67
C ARG A 259 8.98 13.56 -16.01
N GLU A 260 9.29 12.28 -15.99
CA GLU A 260 9.27 11.44 -17.17
C GLU A 260 7.89 10.92 -17.59
N HIS A 261 7.00 10.66 -16.62
CA HIS A 261 5.69 10.11 -16.93
C HIS A 261 4.48 10.99 -16.71
N ASN A 262 4.66 12.13 -16.06
CA ASN A 262 3.56 13.06 -15.83
C ASN A 262 3.85 14.48 -16.34
N ALA A 263 4.59 14.57 -17.44
CA ALA A 263 4.92 15.86 -18.04
C ALA A 263 3.65 16.67 -18.33
N LYS A 264 2.63 16.01 -18.88
CA LYS A 264 1.36 16.64 -19.18
C LYS A 264 0.68 17.24 -17.94
N GLU A 265 0.72 16.50 -16.83
CA GLU A 265 0.13 16.96 -15.57
C GLU A 265 0.91 18.16 -15.02
N LEU A 266 2.23 18.09 -15.14
CA LEU A 266 3.11 19.17 -14.68
C LEU A 266 2.80 20.43 -15.51
N ASP A 267 2.57 20.23 -16.81
CA ASP A 267 2.25 21.36 -17.69
C ASP A 267 0.90 21.98 -17.29
N ILE A 268 -0.07 21.14 -16.96
CA ILE A 268 -1.40 21.61 -16.53
C ILE A 268 -1.26 22.42 -15.25
N LEU A 269 -0.30 22.04 -14.41
CA LEU A 269 -0.04 22.73 -13.16
C LEU A 269 0.86 23.95 -13.37
N ASN A 270 1.38 24.09 -14.60
CA ASN A 270 2.29 25.18 -14.98
C ASN A 270 3.43 25.22 -13.95
N PHE A 271 4.10 24.07 -13.83
CA PHE A 271 5.16 23.90 -12.86
C PHE A 271 6.33 23.17 -13.47
N GLU A 272 7.54 23.65 -13.17
CA GLU A 272 8.78 23.04 -13.65
C GLU A 272 9.41 22.23 -12.52
N LEU A 273 9.35 20.91 -12.63
CA LEU A 273 9.93 20.04 -11.61
C LEU A 273 11.38 19.75 -12.00
N GLU A 274 12.31 20.21 -11.14
CA GLU A 274 13.75 20.09 -11.35
C GLU A 274 14.31 18.68 -11.36
N GLU A 275 15.36 18.49 -12.15
CA GLU A 275 16.01 17.20 -12.22
C GLU A 275 16.87 17.08 -10.95
N PRO A 276 16.69 16.00 -10.17
CA PRO A 276 17.48 15.82 -8.95
C PRO A 276 18.99 15.69 -9.17
N LYS A 277 19.77 16.35 -8.33
CA LYS A 277 21.23 16.31 -8.41
C LYS A 277 21.81 15.64 -7.16
N LEU A 278 22.27 14.41 -7.32
CA LEU A 278 22.85 13.64 -6.22
C LEU A 278 24.37 13.73 -6.18
N PRO A 279 24.96 13.68 -4.97
CA PRO A 279 24.25 13.56 -3.69
C PRO A 279 23.77 14.91 -3.18
N PHE A 280 22.67 14.90 -2.43
CA PHE A 280 22.14 16.14 -1.86
C PHE A 280 23.13 16.62 -0.82
N PRO A 281 23.18 17.93 -0.56
CA PRO A 281 24.12 18.41 0.46
C PRO A 281 23.74 17.96 1.88
N ARG A 282 24.74 17.60 2.68
CA ARG A 282 24.54 17.17 4.07
C ARG A 282 25.01 18.33 4.94
N VAL A 283 24.14 18.84 5.80
CA VAL A 283 24.47 19.96 6.69
C VAL A 283 24.28 19.57 8.16
N SER A 284 25.37 19.57 8.93
CA SER A 284 25.30 19.21 10.35
C SER A 284 24.46 20.23 11.11
N TYR A 285 23.87 19.79 12.22
CA TYR A 285 23.05 20.66 13.05
C TYR A 285 23.85 21.88 13.53
N ASP A 286 25.14 21.66 13.83
CA ASP A 286 26.03 22.73 14.27
C ASP A 286 26.17 23.78 13.16
N LYS A 287 26.48 23.30 11.95
CA LYS A 287 26.64 24.19 10.81
C LYS A 287 25.34 24.93 10.48
N ALA A 288 24.19 24.25 10.64
CA ALA A 288 22.89 24.88 10.38
C ALA A 288 22.67 26.03 11.34
N LEU A 289 23.10 25.83 12.60
CA LEU A 289 22.96 26.87 13.61
C LEU A 289 23.89 28.06 13.33
N GLU A 290 25.07 27.76 12.78
CA GLU A 290 26.03 28.77 12.43
C GLU A 290 25.44 29.65 11.31
N ILE A 291 24.90 28.99 10.27
CA ILE A 291 24.28 29.68 9.15
C ILE A 291 23.13 30.58 9.63
N LEU A 292 22.29 30.05 10.51
CA LEU A 292 21.16 30.82 11.03
C LEU A 292 21.68 32.01 11.86
N GLY A 293 22.82 31.82 12.51
CA GLY A 293 23.43 32.89 13.31
C GLY A 293 23.78 34.07 12.40
N ASP A 294 24.34 33.76 11.23
CA ASP A 294 24.72 34.77 10.23
C ASP A 294 23.50 35.58 9.83
N LEU A 295 22.38 34.89 9.67
CA LEU A 295 21.12 35.52 9.28
C LEU A 295 20.37 36.14 10.46
N GLY A 296 21.03 36.20 11.62
CA GLY A 296 20.41 36.79 12.79
C GLY A 296 19.41 35.94 13.58
N LYS A 297 19.31 34.65 13.25
CA LYS A 297 18.40 33.76 13.96
C LYS A 297 19.20 32.98 15.00
N GLU A 298 19.03 33.33 16.26
CA GLU A 298 19.74 32.66 17.34
C GLU A 298 18.95 31.51 17.95
N ILE A 299 19.50 30.31 17.83
CA ILE A 299 18.89 29.10 18.37
C ILE A 299 19.88 28.44 19.33
N PRO A 300 19.58 28.46 20.64
CA PRO A 300 20.46 27.86 21.65
C PRO A 300 20.72 26.40 21.31
N TRP A 301 21.98 25.99 21.30
CA TRP A 301 22.35 24.61 20.97
C TRP A 301 21.55 23.62 21.81
N GLY A 302 20.99 22.62 21.16
CA GLY A 302 20.19 21.62 21.84
C GLY A 302 18.72 21.76 21.49
N GLU A 303 18.29 22.99 21.23
CA GLU A 303 16.90 23.27 20.88
C GLU A 303 16.58 22.94 19.43
N ASP A 304 15.29 22.83 19.14
CA ASP A 304 14.81 22.52 17.80
C ASP A 304 14.89 23.73 16.89
N ILE A 305 15.16 23.46 15.62
CA ILE A 305 15.20 24.51 14.61
C ILE A 305 13.71 24.67 14.25
N ASP A 306 13.11 25.80 14.61
CA ASP A 306 11.69 26.04 14.32
C ASP A 306 11.34 26.23 12.84
N THR A 307 10.06 26.50 12.58
CA THR A 307 9.55 26.70 11.22
C THR A 307 10.31 27.82 10.50
N GLU A 308 10.49 28.93 11.21
CA GLU A 308 11.20 30.09 10.69
C GLU A 308 12.63 29.70 10.34
N GLY A 309 13.24 28.92 11.23
CA GLY A 309 14.61 28.46 11.02
C GLY A 309 14.70 27.60 9.78
N GLU A 310 13.69 26.75 9.57
CA GLU A 310 13.65 25.87 8.39
C GLU A 310 13.51 26.66 7.10
N ARG A 311 12.67 27.69 7.12
CA ARG A 311 12.46 28.52 5.93
C ARG A 311 13.76 29.18 5.52
N LEU A 312 14.40 29.87 6.45
CA LEU A 312 15.67 30.56 6.19
C LEU A 312 16.73 29.61 5.66
N LEU A 313 16.83 28.43 6.24
CA LEU A 313 17.81 27.42 5.82
C LEU A 313 17.50 26.87 4.44
N GLY A 314 16.23 26.59 4.18
CA GLY A 314 15.83 26.07 2.88
C GLY A 314 16.11 27.11 1.80
N LYS A 315 15.84 28.37 2.13
CA LYS A 315 16.06 29.49 1.23
C LYS A 315 17.56 29.66 0.95
N TYR A 316 18.37 29.58 2.01
CA TYR A 316 19.82 29.68 1.89
C TYR A 316 20.35 28.55 1.01
N MET A 317 19.92 27.33 1.29
CA MET A 317 20.38 26.17 0.52
C MET A 317 19.96 26.23 -0.95
N MET A 318 18.74 26.68 -1.20
CA MET A 318 18.23 26.81 -2.56
C MET A 318 19.03 27.84 -3.34
N GLU A 319 19.14 29.03 -2.77
CA GLU A 319 19.84 30.15 -3.38
C GLU A 319 21.37 30.12 -3.34
N ASN A 320 21.95 29.34 -2.44
CA ASN A 320 23.40 29.29 -2.33
C ASN A 320 24.04 27.96 -2.67
N GLU A 321 23.27 26.89 -2.54
CA GLU A 321 23.76 25.56 -2.84
C GLU A 321 23.07 24.97 -4.05
N ASN A 322 22.06 25.67 -4.55
CA ASN A 322 21.30 25.22 -5.71
C ASN A 322 20.65 23.87 -5.35
N ALA A 323 20.22 23.75 -4.10
CA ALA A 323 19.63 22.51 -3.64
C ALA A 323 18.25 22.66 -3.01
N PRO A 324 17.21 22.20 -3.72
CA PRO A 324 15.85 22.30 -3.16
C PRO A 324 15.66 21.19 -2.11
N LEU A 325 16.58 20.23 -2.10
CA LEU A 325 16.59 19.08 -1.19
C LEU A 325 17.95 18.95 -0.53
N TYR A 326 17.97 18.78 0.79
CA TYR A 326 19.23 18.62 1.52
C TYR A 326 18.97 17.98 2.87
N PHE A 327 20.01 17.37 3.45
CA PHE A 327 19.90 16.71 4.74
C PHE A 327 20.45 17.55 5.90
N LEU A 328 19.80 17.41 7.05
CA LEU A 328 20.23 18.05 8.28
C LEU A 328 20.61 16.83 9.12
N TYR A 329 21.85 16.76 9.61
CA TYR A 329 22.25 15.60 10.39
C TYR A 329 23.08 15.90 11.64
N GLN A 330 23.47 14.84 12.34
CA GLN A 330 24.25 14.93 13.58
C GLN A 330 23.55 15.84 14.59
N TYR A 331 22.28 15.52 14.84
CA TYR A 331 21.44 16.26 15.79
C TYR A 331 21.85 15.99 17.25
N PRO A 332 21.42 16.87 18.17
CA PRO A 332 21.73 16.72 19.60
C PRO A 332 20.95 15.48 20.08
N SER A 333 21.64 14.54 20.72
CA SER A 333 21.01 13.32 21.21
C SER A 333 19.76 13.56 22.06
N GLU A 334 19.75 14.64 22.85
CA GLU A 334 18.61 14.97 23.71
C GLU A 334 17.36 15.29 22.90
N ALA A 335 17.56 15.75 21.68
CA ALA A 335 16.46 16.15 20.80
C ALA A 335 15.88 15.02 19.93
N LYS A 336 16.47 13.82 20.02
CA LYS A 336 16.02 12.67 19.24
C LYS A 336 15.55 11.51 20.10
N PRO A 337 14.80 10.56 19.51
CA PRO A 337 14.24 9.38 20.20
C PRO A 337 15.27 8.40 20.81
N PHE A 338 14.81 7.62 21.77
CA PHE A 338 15.64 6.63 22.47
C PHE A 338 16.25 5.55 21.58
N TYR A 339 15.62 5.30 20.43
CA TYR A 339 16.08 4.27 19.51
C TYR A 339 17.21 4.68 18.55
N ILE A 340 17.63 5.95 18.61
CA ILE A 340 18.70 6.42 17.76
C ILE A 340 20.06 6.16 18.44
N MET A 341 21.05 5.72 17.65
CA MET A 341 22.39 5.46 18.16
C MET A 341 23.18 6.77 18.27
N LYS A 342 23.81 7.00 19.43
CA LYS A 342 24.61 8.20 19.65
C LYS A 342 26.01 7.94 19.09
N TYR A 343 26.77 9.00 18.88
CA TYR A 343 28.14 8.86 18.41
C TYR A 343 28.91 8.43 19.66
N ASP A 344 29.49 7.23 19.62
CA ASP A 344 30.21 6.70 20.78
C ASP A 344 31.32 7.63 21.26
N ASN A 345 32.06 8.23 20.33
CA ASN A 345 33.15 9.14 20.69
C ASN A 345 32.71 10.58 20.98
N LYS A 346 31.41 10.87 20.85
CA LYS A 346 30.88 12.21 21.11
C LYS A 346 29.37 12.08 21.33
N PRO A 347 28.96 11.45 22.45
CA PRO A 347 27.60 11.18 22.92
C PRO A 347 26.54 12.25 22.88
N GLU A 348 26.92 13.53 22.84
CA GLU A 348 25.91 14.58 22.82
C GLU A 348 25.30 14.75 21.42
N ILE A 349 25.88 14.05 20.46
CA ILE A 349 25.45 14.05 19.06
C ILE A 349 25.01 12.65 18.67
N CYS A 350 23.95 12.53 17.86
CA CYS A 350 23.45 11.21 17.44
C CYS A 350 23.40 11.00 15.93
N ARG A 351 23.20 9.75 15.54
CA ARG A 351 23.15 9.36 14.14
C ARG A 351 21.77 9.49 13.49
N ALA A 352 21.14 10.64 13.73
CA ALA A 352 19.83 10.96 13.21
C ALA A 352 19.94 12.02 12.10
N PHE A 353 18.97 12.02 11.19
CA PHE A 353 18.94 12.96 10.08
C PHE A 353 17.51 13.33 9.68
N ASP A 354 17.36 14.46 8.99
CA ASP A 354 16.07 14.94 8.49
C ASP A 354 16.30 15.40 7.05
N LEU A 355 15.37 15.06 6.15
CA LEU A 355 15.48 15.46 4.75
C LEU A 355 14.51 16.63 4.56
N GLU A 356 15.06 17.76 4.07
CA GLU A 356 14.27 18.98 3.84
C GLU A 356 14.01 19.20 2.35
N TYR A 357 12.76 19.52 2.03
CA TYR A 357 12.35 19.74 0.63
C TYR A 357 11.67 21.10 0.58
N ARG A 358 12.32 22.06 -0.08
CA ARG A 358 11.81 23.42 -0.18
C ARG A 358 11.55 24.01 1.21
N GLY A 359 12.50 23.77 2.12
CA GLY A 359 12.41 24.30 3.46
C GLY A 359 11.42 23.66 4.40
N VAL A 360 10.95 22.47 4.07
CA VAL A 360 10.00 21.76 4.91
C VAL A 360 10.42 20.30 5.07
N GLU A 361 10.46 19.84 6.31
CA GLU A 361 10.84 18.46 6.58
C GLU A 361 9.87 17.46 5.97
N ILE A 362 10.39 16.51 5.21
CA ILE A 362 9.54 15.49 4.59
C ILE A 362 9.87 14.09 5.11
N SER A 363 11.02 13.95 5.78
CA SER A 363 11.45 12.66 6.29
C SER A 363 12.50 12.80 7.39
N SER A 364 12.58 11.76 8.24
CA SER A 364 13.55 11.69 9.34
C SER A 364 13.89 10.24 9.56
N GLY A 365 15.14 9.97 9.94
CA GLY A 365 15.58 8.61 10.18
C GLY A 365 16.93 8.61 10.85
N GLY A 366 17.63 7.48 10.79
CA GLY A 366 18.95 7.39 11.39
C GLY A 366 19.36 5.97 11.67
N GLN A 367 20.58 5.78 12.19
CA GLN A 367 21.03 4.45 12.56
C GLN A 367 20.49 4.23 13.97
N ARG A 368 19.97 3.03 14.22
CA ARG A 368 19.40 2.71 15.52
C ARG A 368 20.42 2.11 16.47
N GLU A 369 20.06 2.10 17.75
CA GLU A 369 20.88 1.50 18.78
C GLU A 369 20.45 0.04 18.88
N HIS A 370 21.19 -0.85 18.22
CA HIS A 370 20.90 -2.29 18.22
C HIS A 370 21.47 -3.05 19.40
N ARG A 371 22.33 -2.40 20.19
CA ARG A 371 22.97 -3.01 21.36
C ARG A 371 22.02 -2.93 22.55
N HIS A 372 21.45 -4.08 22.90
CA HIS A 372 20.46 -4.22 23.97
C HIS A 372 20.57 -3.38 25.24
N ASP A 373 21.66 -3.57 25.99
CA ASP A 373 21.85 -2.85 27.24
C ASP A 373 21.86 -1.34 27.10
N ILE A 374 22.57 -0.84 26.08
CA ILE A 374 22.63 0.60 25.84
C ILE A 374 21.24 1.14 25.50
N LEU A 375 20.50 0.38 24.71
CA LEU A 375 19.14 0.77 24.32
C LEU A 375 18.25 0.93 25.54
N VAL A 376 18.30 -0.05 26.43
CA VAL A 376 17.51 -0.02 27.67
C VAL A 376 17.83 1.25 28.46
N GLU A 377 19.11 1.61 28.52
CA GLU A 377 19.53 2.82 29.24
C GLU A 377 18.99 4.08 28.60
N GLN A 378 18.92 4.10 27.27
CA GLN A 378 18.40 5.26 26.56
C GLN A 378 16.89 5.41 26.75
N ILE A 379 16.19 4.29 26.95
CA ILE A 379 14.75 4.34 27.21
C ILE A 379 14.56 4.99 28.58
N LYS A 380 15.44 4.64 29.52
CA LYS A 380 15.41 5.20 30.87
C LYS A 380 15.72 6.69 30.85
N GLU A 381 16.73 7.08 30.05
CA GLU A 381 17.12 8.49 29.91
C GLU A 381 15.97 9.37 29.42
N LYS A 382 15.03 8.79 28.68
CA LYS A 382 13.89 9.55 28.16
C LYS A 382 12.73 9.59 29.17
N GLY A 383 12.96 9.04 30.35
CA GLY A 383 11.93 9.02 31.37
C GLY A 383 10.84 8.00 31.12
N LEU A 384 11.16 6.97 30.34
CA LEU A 384 10.22 5.91 30.01
C LEU A 384 10.55 4.62 30.77
N ASN A 385 9.61 3.68 30.77
CA ASN A 385 9.77 2.41 31.45
C ASN A 385 10.10 1.28 30.47
N PRO A 386 11.30 0.68 30.59
CA PRO A 386 11.76 -0.43 29.73
C PRO A 386 10.82 -1.65 29.70
N GLU A 387 10.11 -1.91 30.80
CA GLU A 387 9.19 -3.04 30.86
C GLU A 387 8.04 -2.91 29.88
N SER A 388 7.66 -1.67 29.58
CA SER A 388 6.57 -1.39 28.65
C SER A 388 6.97 -1.76 27.22
N PHE A 389 8.26 -2.05 26.99
CA PHE A 389 8.78 -2.39 25.66
C PHE A 389 9.32 -3.81 25.58
N GLU A 390 8.76 -4.72 26.36
CA GLU A 390 9.24 -6.08 26.37
C GLU A 390 9.29 -6.81 25.03
N PHE A 391 8.21 -6.74 24.26
CA PHE A 391 8.18 -7.43 22.96
C PHE A 391 9.24 -6.91 21.99
N TYR A 392 9.46 -5.60 22.04
CA TYR A 392 10.45 -4.92 21.22
C TYR A 392 11.87 -5.31 21.66
N LEU A 393 12.18 -5.05 22.93
CA LEU A 393 13.50 -5.37 23.50
C LEU A 393 13.95 -6.82 23.33
N LYS A 394 13.02 -7.76 23.40
CA LYS A 394 13.34 -9.17 23.26
C LYS A 394 14.00 -9.49 21.91
N ALA A 395 13.68 -8.70 20.89
CA ALA A 395 14.22 -8.87 19.54
C ALA A 395 15.71 -8.52 19.44
N PHE A 396 16.21 -7.77 20.41
CA PHE A 396 17.61 -7.34 20.44
C PHE A 396 18.49 -8.29 21.27
N ARG A 397 17.90 -9.40 21.71
CA ARG A 397 18.62 -10.35 22.57
C ARG A 397 19.15 -11.62 21.94
N TYR A 398 18.68 -11.98 20.75
CA TYR A 398 19.14 -13.23 20.15
C TYR A 398 19.79 -13.10 18.79
N GLY A 399 20.69 -12.13 18.67
CA GLY A 399 21.37 -11.90 17.41
C GLY A 399 20.64 -10.84 16.62
N MET A 400 21.03 -9.58 16.85
CA MET A 400 20.44 -8.42 16.17
C MET A 400 21.57 -7.65 15.48
N PRO A 401 21.52 -7.58 14.13
CA PRO A 401 22.54 -6.85 13.35
C PRO A 401 22.38 -5.33 13.41
N PRO A 402 23.43 -4.58 13.03
CA PRO A 402 23.35 -3.12 13.05
C PRO A 402 22.27 -2.75 12.01
N HIS A 403 21.49 -1.71 12.29
CA HIS A 403 20.44 -1.33 11.34
C HIS A 403 20.01 0.13 11.46
N GLY A 404 19.31 0.60 10.42
CA GLY A 404 18.80 1.96 10.38
C GLY A 404 17.70 2.08 9.34
N GLY A 405 16.97 3.19 9.37
CA GLY A 405 15.89 3.38 8.42
C GLY A 405 15.36 4.79 8.44
N PHE A 406 14.15 4.97 7.89
CA PHE A 406 13.53 6.29 7.82
C PHE A 406 12.02 6.23 7.68
N GLY A 407 11.39 7.36 7.96
CA GLY A 407 9.96 7.51 7.82
C GLY A 407 9.79 8.68 6.86
N LEU A 408 9.20 8.44 5.69
CA LEU A 408 9.00 9.47 4.67
C LEU A 408 7.51 9.79 4.49
N GLY A 409 7.13 11.03 4.80
CA GLY A 409 5.74 11.44 4.67
C GLY A 409 5.31 11.56 3.22
N ALA A 410 4.28 10.80 2.82
CA ALA A 410 3.79 10.83 1.44
C ALA A 410 3.16 12.16 1.04
N GLU A 411 2.30 12.70 1.91
CA GLU A 411 1.63 13.98 1.65
C GLU A 411 2.64 15.13 1.65
N ARG A 412 3.56 15.11 2.60
CA ARG A 412 4.58 16.16 2.68
C ARG A 412 5.51 16.11 1.47
N LEU A 413 5.83 14.91 0.99
CA LEU A 413 6.68 14.74 -0.20
C LEU A 413 6.01 15.30 -1.47
N ILE A 414 4.73 14.97 -1.66
CA ILE A 414 3.98 15.44 -2.83
C ILE A 414 3.70 16.95 -2.77
N LYS A 415 3.29 17.44 -1.60
CA LYS A 415 3.03 18.87 -1.43
C LYS A 415 4.28 19.70 -1.73
N GLN A 416 5.43 19.27 -1.20
CA GLN A 416 6.68 19.99 -1.42
C GLN A 416 7.20 19.83 -2.84
N MET A 417 7.04 18.64 -3.41
CA MET A 417 7.48 18.36 -4.79
C MET A 417 6.81 19.32 -5.78
N LEU A 418 5.52 19.55 -5.60
CA LEU A 418 4.74 20.42 -6.48
C LEU A 418 4.62 21.85 -5.95
N ASP A 419 5.33 22.14 -4.87
CA ASP A 419 5.33 23.45 -4.23
C ASP A 419 3.93 24.00 -3.96
N LEU A 420 3.02 23.13 -3.52
CA LEU A 420 1.64 23.50 -3.22
C LEU A 420 1.55 24.19 -1.86
N PRO A 421 0.66 25.18 -1.73
CA PRO A 421 0.45 25.96 -0.50
C PRO A 421 -0.23 25.26 0.69
N ASN A 422 -0.94 24.17 0.44
CA ASN A 422 -1.63 23.48 1.54
C ASN A 422 -1.57 21.97 1.36
N ILE A 423 -1.25 21.26 2.45
CA ILE A 423 -1.15 19.80 2.43
C ILE A 423 -2.51 19.12 2.13
N ARG A 424 -3.60 19.83 2.39
CA ARG A 424 -4.94 19.31 2.13
C ARG A 424 -5.22 19.12 0.63
N GLU A 425 -4.34 19.67 -0.21
CA GLU A 425 -4.47 19.55 -1.67
C GLU A 425 -3.97 18.23 -2.23
N VAL A 426 -3.22 17.47 -1.43
CA VAL A 426 -2.65 16.20 -1.89
C VAL A 426 -3.24 14.91 -1.30
N ILE A 427 -4.33 15.03 -0.55
CA ILE A 427 -5.00 13.86 0.03
C ILE A 427 -6.49 14.11 -0.14
N LEU A 428 -7.21 13.11 -0.65
CA LEU A 428 -8.65 13.26 -0.91
C LEU A 428 -9.55 13.75 0.22
N PHE A 429 -9.52 13.07 1.36
CA PHE A 429 -10.37 13.45 2.49
C PHE A 429 -9.51 13.69 3.72
N PRO A 430 -9.01 14.93 3.89
CA PRO A 430 -8.16 15.36 5.00
C PRO A 430 -8.78 15.23 6.38
N ARG A 431 -7.93 14.94 7.37
CA ARG A 431 -8.34 14.83 8.75
C ARG A 431 -7.52 15.83 9.56
N ASP A 432 -8.17 16.88 10.06
CA ASP A 432 -7.49 17.87 10.86
C ASP A 432 -8.27 18.16 12.14
N ARG A 433 -7.86 19.19 12.88
CA ARG A 433 -8.51 19.55 14.14
C ARG A 433 -10.02 19.71 14.07
N ARG A 434 -10.50 20.29 12.96
CA ARG A 434 -11.93 20.54 12.78
C ARG A 434 -12.61 19.77 11.65
N ARG A 435 -11.85 18.95 10.92
CA ARG A 435 -12.44 18.18 9.82
C ARG A 435 -12.45 16.68 10.10
N LEU A 436 -13.66 16.13 10.23
CA LEU A 436 -13.89 14.71 10.49
C LEU A 436 -14.75 14.09 9.37
N THR A 437 -15.60 14.90 8.75
CA THR A 437 -16.47 14.44 7.67
C THR A 437 -16.34 15.38 6.47
N PRO A 438 -16.54 14.86 5.23
CA PRO A 438 -16.87 13.50 4.82
C PRO A 438 -15.85 12.45 5.28
N MET B 1 28.38 -1.54 4.00
CA MET B 1 27.61 -2.74 4.31
C MET B 1 28.56 -3.87 4.66
N TYR B 2 28.13 -4.74 5.57
CA TYR B 2 28.97 -5.85 5.98
C TYR B 2 28.98 -7.00 4.99
N ARG B 3 28.08 -6.97 4.02
CA ARG B 3 28.06 -8.02 3.02
C ARG B 3 27.99 -7.40 1.62
N THR B 4 28.51 -8.13 0.65
CA THR B 4 28.48 -7.71 -0.75
C THR B 4 27.57 -8.66 -1.53
N HIS B 5 27.38 -9.87 -1.00
CA HIS B 5 26.54 -10.88 -1.66
C HIS B 5 25.74 -11.73 -0.68
N TYR B 6 24.55 -12.15 -1.11
CA TYR B 6 23.71 -13.05 -0.33
C TYR B 6 24.11 -14.44 -0.83
N SER B 7 23.77 -15.48 -0.08
CA SER B 7 24.09 -16.85 -0.46
C SER B 7 23.69 -17.18 -1.91
N SER B 8 22.54 -16.65 -2.32
CA SER B 8 21.98 -16.88 -3.64
C SER B 8 22.60 -16.04 -4.75
N GLU B 9 23.30 -14.98 -4.38
CA GLU B 9 23.91 -14.10 -5.37
C GLU B 9 25.32 -14.50 -5.78
N ILE B 10 25.82 -15.58 -5.20
CA ILE B 10 27.16 -16.05 -5.53
C ILE B 10 27.11 -17.13 -6.62
N THR B 11 27.62 -16.76 -7.80
CA THR B 11 27.64 -17.67 -8.95
C THR B 11 29.06 -17.97 -9.41
N GLU B 12 29.16 -18.78 -10.46
CA GLU B 12 30.43 -19.21 -11.03
C GLU B 12 31.42 -18.14 -11.49
N GLU B 13 30.90 -16.99 -11.93
CA GLU B 13 31.74 -15.88 -12.40
C GLU B 13 32.59 -15.31 -11.27
N LEU B 14 32.14 -15.54 -10.04
CA LEU B 14 32.84 -15.06 -8.86
C LEU B 14 33.89 -16.02 -8.33
N ASN B 15 34.10 -17.14 -9.02
CA ASN B 15 35.08 -18.10 -8.54
C ASN B 15 36.47 -17.49 -8.42
N GLY B 16 37.08 -17.69 -7.26
CA GLY B 16 38.41 -17.13 -7.01
C GLY B 16 38.41 -15.67 -6.62
N GLN B 17 37.23 -15.05 -6.54
CA GLN B 17 37.11 -13.65 -6.16
C GLN B 17 36.78 -13.47 -4.69
N LYS B 18 37.11 -12.31 -4.15
CA LYS B 18 36.82 -11.98 -2.75
C LYS B 18 35.42 -11.41 -2.65
N VAL B 19 34.65 -11.90 -1.68
CA VAL B 19 33.29 -11.44 -1.44
C VAL B 19 33.13 -11.23 0.07
N LYS B 20 31.95 -10.76 0.46
CA LYS B 20 31.68 -10.52 1.86
C LYS B 20 30.25 -11.01 2.15
N VAL B 21 30.14 -12.02 3.01
CA VAL B 21 28.84 -12.58 3.39
C VAL B 21 28.55 -12.28 4.85
N ALA B 22 27.28 -12.21 5.21
CA ALA B 22 26.90 -11.92 6.59
C ALA B 22 25.58 -12.60 6.94
N GLY B 23 25.37 -12.86 8.23
CA GLY B 23 24.14 -13.52 8.66
C GLY B 23 24.21 -14.07 10.07
N TRP B 24 23.46 -15.14 10.32
CA TRP B 24 23.41 -15.79 11.64
C TRP B 24 24.11 -17.13 11.64
N VAL B 25 24.86 -17.42 12.69
CA VAL B 25 25.59 -18.69 12.79
C VAL B 25 24.59 -19.84 12.85
N TRP B 26 24.60 -20.67 11.81
CA TRP B 26 23.71 -21.82 11.71
C TRP B 26 24.35 -23.04 12.36
N GLU B 27 25.60 -23.30 12.03
CA GLU B 27 26.31 -24.46 12.58
C GLU B 27 27.83 -24.31 12.54
N VAL B 28 28.48 -24.90 13.53
CA VAL B 28 29.94 -24.90 13.60
C VAL B 28 30.40 -26.35 13.80
N LYS B 29 31.37 -26.77 13.01
CA LYS B 29 31.92 -28.12 13.11
C LYS B 29 33.44 -28.05 13.18
N ASP B 30 33.97 -28.24 14.37
CA ASP B 30 35.42 -28.23 14.59
C ASP B 30 35.83 -29.70 14.46
N LEU B 31 36.41 -30.05 13.32
CA LEU B 31 36.80 -31.44 13.10
C LEU B 31 38.30 -31.70 13.17
N GLY B 32 38.99 -30.95 14.03
CA GLY B 32 40.42 -31.14 14.18
C GLY B 32 41.24 -30.36 13.18
N GLY B 33 41.81 -31.05 12.20
CA GLY B 33 42.64 -30.41 11.18
C GLY B 33 41.90 -29.46 10.24
N ILE B 34 40.58 -29.43 10.34
CA ILE B 34 39.76 -28.56 9.49
C ILE B 34 38.49 -28.19 10.24
N LYS B 35 37.99 -26.98 10.01
CA LYS B 35 36.77 -26.51 10.66
C LYS B 35 35.76 -25.93 9.66
N PHE B 36 34.49 -26.02 10.00
CA PHE B 36 33.44 -25.52 9.14
C PHE B 36 32.49 -24.58 9.87
N LEU B 37 32.11 -23.51 9.18
CA LEU B 37 31.18 -22.53 9.71
C LEU B 37 30.09 -22.32 8.68
N TRP B 38 28.84 -22.50 9.11
CA TRP B 38 27.70 -22.29 8.24
C TRP B 38 26.94 -21.06 8.66
N ILE B 39 26.77 -20.13 7.73
CA ILE B 39 26.07 -18.87 7.99
C ILE B 39 24.72 -18.89 7.27
N ARG B 40 23.68 -18.41 7.93
CA ARG B 40 22.35 -18.38 7.35
C ARG B 40 21.88 -16.96 7.08
N ASP B 41 21.38 -16.72 5.87
CA ASP B 41 20.80 -15.42 5.52
C ASP B 41 19.38 -15.66 5.00
N ARG B 42 18.71 -14.59 4.56
CA ARG B 42 17.32 -14.69 4.08
C ARG B 42 17.10 -15.72 2.95
N ASP B 43 18.14 -16.02 2.18
CA ASP B 43 18.02 -16.96 1.05
C ASP B 43 18.55 -18.37 1.28
N GLY B 44 19.38 -18.55 2.30
CA GLY B 44 19.91 -19.87 2.56
C GLY B 44 21.13 -19.91 3.45
N ILE B 45 21.92 -20.97 3.28
CA ILE B 45 23.15 -21.16 4.08
C ILE B 45 24.38 -21.05 3.19
N VAL B 46 25.47 -20.55 3.77
CA VAL B 46 26.75 -20.40 3.07
C VAL B 46 27.77 -21.21 3.86
N GLN B 47 28.60 -21.98 3.15
CA GLN B 47 29.63 -22.78 3.80
C GLN B 47 30.98 -22.06 3.84
N ILE B 48 31.51 -21.88 5.04
CA ILE B 48 32.82 -21.25 5.24
C ILE B 48 33.75 -22.43 5.60
N THR B 49 34.78 -22.65 4.78
CA THR B 49 35.71 -23.76 5.01
C THR B 49 37.09 -23.33 5.49
N ALA B 50 37.53 -23.91 6.60
CA ALA B 50 38.83 -23.55 7.18
C ALA B 50 39.87 -24.66 7.42
N PRO B 51 40.68 -24.98 6.38
CA PRO B 51 41.73 -26.00 6.49
C PRO B 51 42.84 -25.35 7.30
N LYS B 52 43.36 -26.03 8.32
CA LYS B 52 44.40 -25.47 9.18
C LYS B 52 45.55 -24.76 8.45
N LYS B 53 46.12 -25.42 7.45
CA LYS B 53 47.23 -24.86 6.69
C LYS B 53 46.87 -23.74 5.73
N LYS B 54 45.58 -23.47 5.56
CA LYS B 54 45.17 -22.41 4.65
C LYS B 54 44.54 -21.16 5.26
N VAL B 55 44.34 -21.15 6.59
CA VAL B 55 43.75 -19.99 7.24
C VAL B 55 44.62 -19.40 8.35
N ASP B 56 44.31 -18.18 8.74
CA ASP B 56 45.03 -17.49 9.81
C ASP B 56 44.75 -18.22 11.12
N PRO B 57 45.80 -18.44 11.93
CA PRO B 57 45.71 -19.13 13.22
C PRO B 57 44.67 -18.55 14.19
N GLU B 58 44.56 -17.22 14.26
CA GLU B 58 43.59 -16.60 15.16
C GLU B 58 42.16 -16.92 14.72
N LEU B 59 42.00 -17.07 13.41
CA LEU B 59 40.72 -17.39 12.80
C LEU B 59 40.37 -18.85 13.10
N PHE B 60 41.38 -19.72 13.02
CA PHE B 60 41.23 -21.15 13.29
C PHE B 60 40.71 -21.38 14.71
N LYS B 61 41.19 -20.59 15.67
CA LYS B 61 40.75 -20.74 17.05
C LYS B 61 39.50 -19.95 17.40
N LEU B 62 39.12 -19.02 16.53
CA LEU B 62 37.92 -18.22 16.77
C LEU B 62 36.64 -19.02 16.47
N ILE B 63 36.67 -19.76 15.36
CA ILE B 63 35.52 -20.57 14.91
C ILE B 63 34.78 -21.38 15.98
N PRO B 64 35.49 -22.25 16.74
CA PRO B 64 34.80 -23.04 17.77
C PRO B 64 34.15 -22.22 18.90
N LYS B 65 34.51 -20.95 19.00
CA LYS B 65 33.96 -20.04 20.02
C LYS B 65 32.61 -19.45 19.60
N LEU B 66 32.28 -19.54 18.31
CA LEU B 66 31.02 -19.01 17.80
C LEU B 66 29.84 -19.86 18.26
N ARG B 67 28.74 -19.19 18.61
CA ARG B 67 27.52 -19.87 19.10
C ARG B 67 26.32 -19.65 18.17
N SER B 68 25.36 -20.57 18.25
CA SER B 68 24.15 -20.50 17.43
C SER B 68 23.45 -19.15 17.48
N GLU B 69 23.10 -18.62 16.31
CA GLU B 69 22.40 -17.35 16.16
C GLU B 69 23.21 -16.07 16.39
N ASP B 70 24.53 -16.21 16.49
CA ASP B 70 25.39 -15.04 16.64
C ASP B 70 25.39 -14.38 15.27
N VAL B 71 25.34 -13.05 15.21
CA VAL B 71 25.39 -12.35 13.94
C VAL B 71 26.86 -12.10 13.60
N VAL B 72 27.31 -12.65 12.49
CA VAL B 72 28.69 -12.51 12.07
C VAL B 72 28.82 -12.07 10.61
N ALA B 73 30.01 -11.59 10.24
CA ALA B 73 30.31 -11.14 8.89
C ALA B 73 31.64 -11.76 8.49
N VAL B 74 31.73 -12.30 7.28
CA VAL B 74 32.94 -12.96 6.80
C VAL B 74 33.39 -12.45 5.44
N GLU B 75 34.69 -12.21 5.30
CA GLU B 75 35.25 -11.79 4.01
C GLU B 75 36.19 -12.91 3.61
N GLY B 76 36.05 -13.39 2.39
CA GLY B 76 36.90 -14.46 1.94
C GLY B 76 36.88 -14.71 0.45
N VAL B 77 37.57 -15.75 0.03
CA VAL B 77 37.68 -16.11 -1.37
C VAL B 77 36.70 -17.21 -1.76
N VAL B 78 35.90 -16.93 -2.80
CA VAL B 78 34.92 -17.88 -3.31
C VAL B 78 35.67 -19.04 -3.97
N ASN B 79 35.23 -20.26 -3.69
CA ASN B 79 35.85 -21.45 -4.27
C ASN B 79 34.84 -22.51 -4.65
N PHE B 80 34.61 -22.66 -5.95
CA PHE B 80 33.67 -23.66 -6.45
C PHE B 80 34.31 -25.04 -6.40
N THR B 81 33.62 -25.97 -5.77
CA THR B 81 34.12 -27.33 -5.63
C THR B 81 32.98 -28.32 -5.47
N PRO B 82 33.14 -29.54 -6.01
CA PRO B 82 32.11 -30.58 -5.93
C PRO B 82 31.93 -31.03 -4.46
N LYS B 83 32.98 -30.79 -3.65
CA LYS B 83 32.99 -31.13 -2.23
C LYS B 83 32.00 -30.32 -1.41
N ALA B 84 31.70 -29.11 -1.89
CA ALA B 84 30.76 -28.22 -1.20
C ALA B 84 29.35 -28.62 -1.61
N LYS B 85 28.49 -28.87 -0.62
CA LYS B 85 27.13 -29.29 -0.91
C LYS B 85 26.31 -28.30 -1.74
N LEU B 86 26.59 -27.01 -1.62
CA LEU B 86 25.85 -26.00 -2.38
C LEU B 86 26.60 -25.49 -3.60
N GLY B 87 27.68 -26.17 -3.96
CA GLY B 87 28.47 -25.79 -5.13
C GLY B 87 29.76 -25.04 -4.88
N PHE B 88 29.80 -24.23 -3.83
CA PHE B 88 30.99 -23.45 -3.52
C PHE B 88 31.14 -23.26 -2.01
N GLU B 89 32.32 -22.77 -1.62
CA GLU B 89 32.62 -22.50 -0.22
C GLU B 89 33.44 -21.21 -0.16
N ILE B 90 33.51 -20.61 1.01
CA ILE B 90 34.26 -19.39 1.20
C ILE B 90 35.47 -19.73 2.08
N LEU B 91 36.67 -19.44 1.58
CA LEU B 91 37.90 -19.67 2.35
C LEU B 91 38.08 -18.31 3.04
N PRO B 92 37.77 -18.23 4.34
CA PRO B 92 37.85 -17.03 5.19
C PRO B 92 39.20 -16.34 5.40
N GLU B 93 39.16 -15.02 5.33
CA GLU B 93 40.35 -14.18 5.56
C GLU B 93 40.11 -13.38 6.83
N LYS B 94 38.86 -13.04 7.08
CA LYS B 94 38.49 -12.27 8.27
C LYS B 94 37.06 -12.58 8.71
N ILE B 95 36.88 -12.82 9.99
CA ILE B 95 35.58 -13.12 10.58
C ILE B 95 35.32 -12.12 11.70
N VAL B 96 34.17 -11.45 11.65
CA VAL B 96 33.82 -10.46 12.65
C VAL B 96 32.50 -10.77 13.34
N VAL B 97 32.51 -10.81 14.67
CA VAL B 97 31.30 -11.06 15.44
C VAL B 97 30.64 -9.70 15.65
N LEU B 98 29.48 -9.50 15.02
CA LEU B 98 28.74 -8.25 15.11
C LEU B 98 27.86 -8.13 16.34
N ASN B 99 27.25 -9.24 16.74
CA ASN B 99 26.34 -9.24 17.88
C ASN B 99 26.17 -10.67 18.36
N ARG B 100 26.29 -10.88 19.67
CA ARG B 100 26.17 -12.21 20.26
C ARG B 100 24.76 -12.49 20.78
N ALA B 101 24.28 -13.70 20.50
CA ALA B 101 22.94 -14.13 20.91
C ALA B 101 22.90 -14.75 22.29
N GLU B 102 21.83 -14.48 23.02
CA GLU B 102 21.65 -15.05 24.35
C GLU B 102 21.20 -16.51 24.19
N THR B 103 21.10 -17.19 25.32
CA THR B 103 20.68 -18.58 25.33
C THR B 103 19.92 -18.78 26.65
N PRO B 104 18.82 -19.57 26.62
CA PRO B 104 18.26 -20.28 25.47
C PRO B 104 17.42 -19.38 24.54
N LEU B 105 17.23 -19.84 23.31
CA LEU B 105 16.44 -19.14 22.30
C LEU B 105 14.95 -19.34 22.59
N PRO B 106 14.09 -18.37 22.24
CA PRO B 106 12.64 -18.49 22.49
C PRO B 106 11.97 -19.57 21.65
N LEU B 107 12.57 -19.88 20.51
CA LEU B 107 12.06 -20.89 19.58
C LEU B 107 13.25 -21.61 18.98
N ASP B 108 13.01 -22.80 18.46
CA ASP B 108 14.06 -23.58 17.83
C ASP B 108 14.07 -23.31 16.31
N PRO B 109 15.02 -22.48 15.85
CA PRO B 109 15.13 -22.13 14.43
C PRO B 109 15.56 -23.29 13.53
N THR B 110 15.92 -24.41 14.14
CA THR B 110 16.35 -25.58 13.38
C THR B 110 15.16 -26.48 13.08
N GLY B 111 14.04 -26.19 13.73
CA GLY B 111 12.81 -26.95 13.51
C GLY B 111 12.62 -28.30 14.20
N LYS B 112 13.61 -28.78 14.96
CA LYS B 112 13.46 -30.08 15.64
C LYS B 112 12.31 -30.00 16.63
N VAL B 113 12.41 -29.04 17.54
CA VAL B 113 11.40 -28.82 18.57
C VAL B 113 10.33 -27.85 18.05
N LYS B 114 9.15 -28.40 17.80
CA LYS B 114 8.02 -27.60 17.32
C LYS B 114 7.49 -26.74 18.45
N ALA B 115 6.99 -25.55 18.10
CA ALA B 115 6.45 -24.64 19.09
C ALA B 115 5.01 -24.30 18.76
N GLU B 116 4.25 -23.89 19.77
CA GLU B 116 2.85 -23.52 19.56
C GLU B 116 2.75 -22.23 18.76
N LEU B 117 1.59 -22.01 18.16
CA LEU B 117 1.35 -20.83 17.36
C LEU B 117 1.50 -19.52 18.16
N ASP B 118 0.96 -19.45 19.37
CA ASP B 118 1.07 -18.22 20.14
C ASP B 118 2.53 -17.91 20.49
N THR B 119 3.32 -18.96 20.72
CA THR B 119 4.75 -18.79 21.04
C THR B 119 5.46 -18.21 19.82
N ARG B 120 5.10 -18.71 18.65
CA ARG B 120 5.67 -18.27 17.40
C ARG B 120 5.27 -16.82 17.08
N LEU B 121 4.03 -16.45 17.40
CA LEU B 121 3.54 -15.09 17.17
C LEU B 121 4.20 -14.09 18.11
N ASP B 122 4.46 -14.53 19.35
CA ASP B 122 5.11 -13.68 20.36
C ASP B 122 6.59 -13.47 20.04
N ASN B 123 7.14 -14.36 19.21
CA ASN B 123 8.55 -14.32 18.81
C ASN B 123 8.71 -14.40 17.30
N ARG B 124 7.99 -13.53 16.60
CA ARG B 124 8.00 -13.52 15.14
C ARG B 124 9.39 -13.35 14.51
N PHE B 125 10.29 -12.63 15.17
CA PHE B 125 11.65 -12.44 14.64
C PHE B 125 12.42 -13.76 14.59
N MET B 126 12.11 -14.67 15.51
CA MET B 126 12.74 -16.00 15.56
C MET B 126 12.04 -16.92 14.56
N ASP B 127 10.71 -16.80 14.51
CA ASP B 127 9.89 -17.63 13.63
C ASP B 127 10.27 -17.54 12.16
N LEU B 128 10.56 -16.33 11.68
CA LEU B 128 10.93 -16.14 10.28
C LEU B 128 12.32 -16.67 9.92
N ARG B 129 13.10 -17.09 10.92
CA ARG B 129 14.43 -17.65 10.68
C ARG B 129 14.30 -19.04 10.08
N ARG B 130 13.09 -19.60 10.16
CA ARG B 130 12.80 -20.91 9.57
C ARG B 130 12.38 -20.65 8.12
N PRO B 131 13.03 -21.32 7.16
CA PRO B 131 12.78 -21.21 5.72
C PRO B 131 11.31 -21.23 5.29
N GLU B 132 10.53 -22.13 5.88
CA GLU B 132 9.12 -22.27 5.55
C GLU B 132 8.25 -21.10 6.00
N VAL B 133 8.68 -20.39 7.04
CA VAL B 133 7.92 -19.22 7.50
C VAL B 133 8.36 -18.00 6.66
N MET B 134 9.65 -17.93 6.36
CA MET B 134 10.20 -16.85 5.54
C MET B 134 9.57 -16.97 4.14
N ALA B 135 9.37 -18.21 3.71
CA ALA B 135 8.79 -18.50 2.39
C ALA B 135 7.40 -17.87 2.25
N ILE B 136 6.62 -17.91 3.32
CA ILE B 136 5.27 -17.34 3.32
C ILE B 136 5.26 -15.82 3.18
N PHE B 137 6.12 -15.14 3.92
CA PHE B 137 6.17 -13.68 3.84
C PHE B 137 6.84 -13.12 2.61
N LYS B 138 7.64 -13.95 1.94
CA LYS B 138 8.27 -13.54 0.68
C LYS B 138 7.14 -13.64 -0.35
N ILE B 139 6.34 -14.70 -0.26
CA ILE B 139 5.22 -14.90 -1.17
C ILE B 139 4.17 -13.81 -0.98
N ARG B 140 3.96 -13.37 0.27
CA ARG B 140 3.00 -12.31 0.55
C ARG B 140 3.42 -11.03 -0.17
N SER B 141 4.71 -10.72 -0.12
CA SER B 141 5.21 -9.52 -0.78
C SER B 141 5.03 -9.63 -2.29
N SER B 142 5.33 -10.80 -2.85
CA SER B 142 5.15 -11.05 -4.28
C SER B 142 3.69 -10.87 -4.71
N VAL B 143 2.76 -11.36 -3.90
CA VAL B 143 1.33 -11.25 -4.17
C VAL B 143 0.89 -9.79 -4.27
N PHE B 144 1.34 -8.96 -3.33
CA PHE B 144 0.99 -7.54 -3.33
C PHE B 144 1.52 -6.83 -4.58
N LYS B 145 2.76 -7.14 -4.97
CA LYS B 145 3.38 -6.55 -6.15
C LYS B 145 2.62 -6.93 -7.43
N ALA B 146 2.38 -8.23 -7.61
CA ALA B 146 1.65 -8.73 -8.77
C ALA B 146 0.28 -8.08 -8.91
N VAL B 147 -0.44 -7.93 -7.80
CA VAL B 147 -1.75 -7.30 -7.80
C VAL B 147 -1.67 -5.83 -8.27
N ARG B 148 -0.75 -5.06 -7.69
CA ARG B 148 -0.60 -3.66 -8.08
C ARG B 148 -0.19 -3.53 -9.53
N ASP B 149 0.70 -4.43 -9.98
CA ASP B 149 1.18 -4.42 -11.34
C ASP B 149 0.02 -4.63 -12.31
N PHE B 150 -0.84 -5.60 -12.02
CA PHE B 150 -1.98 -5.87 -12.89
C PHE B 150 -2.89 -4.64 -12.99
N PHE B 151 -3.17 -4.00 -11.86
CA PHE B 151 -4.00 -2.80 -11.80
C PHE B 151 -3.43 -1.68 -12.69
N HIS B 152 -2.12 -1.47 -12.61
CA HIS B 152 -1.46 -0.43 -13.39
C HIS B 152 -1.54 -0.67 -14.89
N GLU B 153 -1.27 -1.92 -15.30
CA GLU B 153 -1.30 -2.32 -16.69
C GLU B 153 -2.69 -2.18 -17.29
N ASN B 154 -3.71 -2.17 -16.42
CA ASN B 154 -5.09 -2.06 -16.86
C ASN B 154 -5.71 -0.66 -16.67
N GLY B 155 -4.85 0.34 -16.48
CA GLY B 155 -5.31 1.71 -16.34
C GLY B 155 -5.91 2.18 -15.04
N PHE B 156 -5.71 1.42 -13.97
CA PHE B 156 -6.25 1.82 -12.67
C PHE B 156 -5.31 2.79 -11.96
N ILE B 157 -5.88 3.73 -11.22
CA ILE B 157 -5.14 4.72 -10.46
C ILE B 157 -5.28 4.39 -8.97
N GLU B 158 -4.17 4.43 -8.23
CA GLU B 158 -4.23 4.14 -6.79
C GLU B 158 -4.78 5.32 -6.01
N ILE B 159 -5.76 5.05 -5.14
CA ILE B 159 -6.35 6.09 -4.30
C ILE B 159 -6.20 5.73 -2.82
N HIS B 160 -6.41 6.72 -1.96
CA HIS B 160 -6.29 6.56 -0.53
C HIS B 160 -7.45 7.29 0.14
N THR B 161 -8.29 6.53 0.84
CA THR B 161 -9.46 7.07 1.52
C THR B 161 -9.26 7.00 3.05
N PRO B 162 -10.00 7.81 3.82
CA PRO B 162 -9.89 7.85 5.29
C PRO B 162 -10.20 6.60 6.10
N LYS B 163 -9.42 6.38 7.16
CA LYS B 163 -9.59 5.25 8.06
C LYS B 163 -10.35 5.70 9.31
N ILE B 164 -10.34 7.00 9.59
CA ILE B 164 -11.06 7.56 10.73
C ILE B 164 -12.33 8.15 10.13
N ILE B 165 -13.46 7.53 10.42
CA ILE B 165 -14.75 7.97 9.88
C ILE B 165 -15.80 8.25 10.94
N ALA B 166 -16.81 9.03 10.57
CA ALA B 166 -17.91 9.37 11.47
C ALA B 166 -19.21 9.29 10.66
N THR B 167 -19.19 8.43 9.65
CA THR B 167 -20.33 8.24 8.76
C THR B 167 -21.12 6.97 9.09
N ALA B 168 -22.32 6.88 8.55
CA ALA B 168 -23.19 5.73 8.76
C ALA B 168 -22.74 4.52 7.95
N THR B 169 -23.22 3.33 8.33
CA THR B 169 -22.92 2.09 7.60
C THR B 169 -24.18 1.24 7.59
N GLU B 170 -24.22 0.23 6.71
CA GLU B 170 -25.39 -0.64 6.62
C GLU B 170 -25.54 -1.58 7.80
N GLY B 171 -24.42 -2.13 8.27
CA GLY B 171 -24.47 -3.08 9.38
C GLY B 171 -24.52 -2.50 10.79
N GLY B 172 -23.70 -1.49 11.07
CA GLY B 172 -23.66 -0.90 12.40
C GLY B 172 -23.16 -1.86 13.47
N THR B 173 -22.34 -2.83 13.08
CA THR B 173 -21.81 -3.81 14.04
C THR B 173 -20.31 -3.98 13.82
N GLU B 174 -19.66 -4.48 14.87
CA GLU B 174 -18.22 -4.74 14.84
C GLU B 174 -17.38 -3.52 14.52
N LEU B 175 -17.88 -2.33 14.82
CA LEU B 175 -17.13 -1.11 14.57
C LEU B 175 -16.29 -0.79 15.79
N PHE B 176 -15.08 -0.30 15.57
CA PHE B 176 -14.18 0.10 16.64
C PHE B 176 -14.41 1.59 16.91
N PRO B 177 -15.20 1.92 17.96
CA PRO B 177 -15.42 3.34 18.21
C PRO B 177 -14.15 4.00 18.74
N MET B 178 -14.06 5.32 18.56
CA MET B 178 -12.91 6.06 19.05
C MET B 178 -13.30 7.53 19.14
N LYS B 179 -12.62 8.28 19.98
CA LYS B 179 -12.92 9.68 20.15
C LYS B 179 -11.98 10.47 19.25
N TYR B 180 -12.51 11.48 18.59
CA TYR B 180 -11.72 12.35 17.74
C TYR B 180 -11.90 13.73 18.34
N PHE B 181 -11.03 14.09 19.28
CA PHE B 181 -11.10 15.37 19.97
C PHE B 181 -12.47 15.44 20.67
N GLU B 182 -13.32 16.37 20.26
CA GLU B 182 -14.65 16.51 20.88
C GLU B 182 -15.66 15.52 20.30
N GLU B 183 -15.47 15.16 19.03
CA GLU B 183 -16.39 14.27 18.32
C GLU B 183 -16.16 12.78 18.56
N ASP B 184 -17.15 11.98 18.16
CA ASP B 184 -17.07 10.53 18.26
C ASP B 184 -16.88 10.02 16.82
N ALA B 185 -15.94 9.10 16.65
CA ALA B 185 -15.65 8.52 15.35
C ALA B 185 -15.48 7.01 15.45
N PHE B 186 -15.06 6.38 14.36
CA PHE B 186 -14.86 4.92 14.29
C PHE B 186 -13.76 4.61 13.30
N LEU B 187 -13.19 3.40 13.39
CA LEU B 187 -12.19 2.97 12.42
C LEU B 187 -12.99 2.39 11.26
N ALA B 188 -12.55 2.67 10.02
CA ALA B 188 -13.26 2.18 8.83
C ALA B 188 -13.16 0.67 8.62
N GLN B 189 -14.28 0.07 8.22
CA GLN B 189 -14.34 -1.36 7.96
C GLN B 189 -14.23 -1.63 6.44
N SER B 190 -14.39 -0.57 5.65
CA SER B 190 -14.35 -0.68 4.19
C SER B 190 -14.37 0.70 3.53
N PRO B 191 -13.69 0.85 2.37
CA PRO B 191 -13.70 2.15 1.70
C PRO B 191 -14.88 2.26 0.73
N GLN B 192 -15.80 1.28 0.81
CA GLN B 192 -16.97 1.19 -0.05
C GLN B 192 -17.63 2.50 -0.49
N LEU B 193 -18.10 3.28 0.47
CA LEU B 193 -18.77 4.54 0.19
C LEU B 193 -17.88 5.57 -0.50
N TYR B 194 -16.60 5.57 -0.13
CA TYR B 194 -15.63 6.50 -0.70
C TYR B 194 -15.24 6.16 -2.13
N LYS B 195 -15.01 4.88 -2.41
CA LYS B 195 -14.64 4.47 -3.76
C LYS B 195 -15.80 4.64 -4.75
N GLN B 196 -17.04 4.59 -4.25
CA GLN B 196 -18.21 4.78 -5.09
C GLN B 196 -18.34 6.26 -5.42
N ILE B 197 -18.16 7.10 -4.41
CA ILE B 197 -18.22 8.55 -4.57
C ILE B 197 -17.22 9.02 -5.63
N MET B 198 -16.03 8.42 -5.65
CA MET B 198 -15.00 8.79 -6.61
C MET B 198 -15.33 8.34 -8.04
N MET B 199 -16.39 7.55 -8.22
CA MET B 199 -16.79 7.13 -9.57
C MET B 199 -17.49 8.30 -10.28
N ALA B 200 -17.81 9.33 -9.52
CA ALA B 200 -18.45 10.52 -10.06
C ALA B 200 -17.41 11.63 -10.30
N SER B 201 -16.13 11.27 -10.15
CA SER B 201 -15.04 12.24 -10.30
C SER B 201 -14.32 12.20 -11.65
N GLY B 202 -14.44 11.09 -12.36
CA GLY B 202 -13.76 10.95 -13.63
C GLY B 202 -12.59 9.98 -13.51
N LEU B 203 -12.16 9.70 -12.27
CA LEU B 203 -11.05 8.75 -12.05
C LEU B 203 -11.33 7.42 -12.74
N ASP B 204 -12.61 7.02 -12.75
CA ASP B 204 -13.10 5.80 -13.41
C ASP B 204 -12.62 4.43 -12.95
N ARG B 205 -11.30 4.27 -12.86
CA ARG B 205 -10.69 3.01 -12.49
C ARG B 205 -9.77 3.26 -11.31
N VAL B 206 -10.23 2.88 -10.11
CA VAL B 206 -9.48 3.08 -8.90
C VAL B 206 -9.23 1.79 -8.10
N TYR B 207 -8.19 1.82 -7.29
CA TYR B 207 -7.86 0.71 -6.41
C TYR B 207 -7.18 1.25 -5.16
N GLU B 208 -7.35 0.53 -4.05
CA GLU B 208 -6.76 0.91 -2.78
C GLU B 208 -6.41 -0.36 -2.04
N ILE B 209 -5.20 -0.41 -1.50
CA ILE B 209 -4.74 -1.56 -0.71
C ILE B 209 -4.36 -0.94 0.62
N ALA B 210 -5.23 -1.13 1.62
CA ALA B 210 -5.03 -0.53 2.92
C ALA B 210 -5.68 -1.38 4.01
N PRO B 211 -5.37 -1.07 5.28
CA PRO B 211 -5.97 -1.85 6.38
C PRO B 211 -7.43 -1.47 6.69
N ILE B 212 -8.20 -2.45 7.14
CA ILE B 212 -9.60 -2.28 7.52
C ILE B 212 -9.72 -2.91 8.92
N PHE B 213 -10.64 -2.40 9.73
CA PHE B 213 -10.78 -2.89 11.10
C PHE B 213 -12.19 -3.33 11.47
N ARG B 214 -12.32 -4.52 12.04
CA ARG B 214 -13.59 -5.07 12.48
C ARG B 214 -13.43 -5.71 13.85
N ALA B 215 -14.21 -5.21 14.82
CA ALA B 215 -14.20 -5.70 16.20
C ALA B 215 -15.07 -6.96 16.34
N GLU B 216 -14.58 -8.07 15.81
CA GLU B 216 -15.27 -9.35 15.87
C GLU B 216 -15.16 -9.89 17.30
N GLU B 217 -16.29 -10.23 17.90
CA GLU B 217 -16.34 -10.74 19.27
C GLU B 217 -15.80 -12.15 19.46
N HIS B 218 -15.66 -12.91 18.36
CA HIS B 218 -15.18 -14.29 18.42
C HIS B 218 -14.15 -14.63 17.36
N ASN B 219 -13.13 -15.38 17.75
CA ASN B 219 -12.05 -15.78 16.84
C ASN B 219 -12.41 -16.93 15.92
N THR B 220 -11.77 -16.95 14.75
CA THR B 220 -11.93 -18.01 13.76
C THR B 220 -10.58 -18.16 13.06
N THR B 221 -10.42 -19.23 12.30
CA THR B 221 -9.19 -19.48 11.57
C THR B 221 -9.22 -18.76 10.22
N ARG B 222 -10.31 -18.05 9.93
CA ARG B 222 -10.47 -17.35 8.65
C ARG B 222 -10.42 -15.83 8.65
N HIS B 223 -10.59 -15.19 9.81
CA HIS B 223 -10.51 -13.73 9.85
C HIS B 223 -9.81 -13.21 11.08
N LEU B 224 -9.53 -11.90 11.05
CA LEU B 224 -8.89 -11.20 12.14
C LEU B 224 -9.53 -9.82 12.28
N ASN B 225 -9.25 -9.17 13.41
CA ASN B 225 -9.79 -7.84 13.68
C ASN B 225 -9.13 -6.74 12.86
N GLU B 226 -7.96 -7.05 12.29
CA GLU B 226 -7.23 -6.11 11.45
C GLU B 226 -6.83 -6.87 10.18
N ALA B 227 -7.17 -6.30 9.02
CA ALA B 227 -6.87 -6.94 7.74
C ALA B 227 -6.47 -5.94 6.66
N TRP B 228 -5.83 -6.46 5.61
CA TRP B 228 -5.42 -5.66 4.46
C TRP B 228 -6.37 -5.98 3.32
N SER B 229 -7.17 -4.99 2.95
CA SER B 229 -8.14 -5.16 1.88
C SER B 229 -7.70 -4.56 0.55
N ILE B 230 -7.87 -5.34 -0.52
CA ILE B 230 -7.55 -4.89 -1.87
C ILE B 230 -8.90 -4.50 -2.49
N ASP B 231 -9.18 -3.21 -2.52
CA ASP B 231 -10.43 -2.69 -3.06
C ASP B 231 -10.29 -2.09 -4.44
N SER B 232 -11.36 -2.20 -5.21
CA SER B 232 -11.40 -1.64 -6.56
C SER B 232 -12.83 -1.29 -6.95
N GLU B 233 -12.94 -0.26 -7.77
CA GLU B 233 -14.23 0.22 -8.27
C GLU B 233 -13.94 0.69 -9.70
N MET B 234 -14.78 0.28 -10.65
CA MET B 234 -14.61 0.64 -12.06
C MET B 234 -15.92 1.12 -12.70
N ALA B 235 -15.82 2.21 -13.45
CA ALA B 235 -16.97 2.84 -14.09
C ALA B 235 -17.17 2.49 -15.56
N PHE B 236 -18.34 2.84 -16.09
CA PHE B 236 -18.72 2.59 -17.49
C PHE B 236 -18.83 1.12 -17.88
N ILE B 237 -19.23 0.28 -16.92
CA ILE B 237 -19.41 -1.15 -17.17
C ILE B 237 -20.85 -1.39 -17.65
N GLU B 238 -21.09 -2.53 -18.31
CA GLU B 238 -22.42 -2.89 -18.81
C GLU B 238 -23.13 -3.90 -17.89
N ASP B 239 -22.34 -4.69 -17.16
CA ASP B 239 -22.86 -5.68 -16.20
C ASP B 239 -21.79 -6.11 -15.21
N GLU B 240 -22.16 -6.93 -14.23
CA GLU B 240 -21.22 -7.39 -13.21
C GLU B 240 -20.21 -8.40 -13.71
N GLU B 241 -20.50 -9.03 -14.85
CA GLU B 241 -19.60 -10.03 -15.42
C GLU B 241 -18.27 -9.39 -15.86
N GLU B 242 -18.31 -8.11 -16.21
CA GLU B 242 -17.09 -7.40 -16.60
C GLU B 242 -16.18 -7.25 -15.38
N VAL B 243 -16.79 -7.07 -14.21
CA VAL B 243 -16.03 -6.95 -12.94
C VAL B 243 -15.45 -8.32 -12.53
N MET B 244 -16.24 -9.38 -12.69
CA MET B 244 -15.82 -10.74 -12.36
C MET B 244 -14.66 -11.18 -13.24
N SER B 245 -14.74 -10.84 -14.53
CA SER B 245 -13.69 -11.19 -15.48
C SER B 245 -12.38 -10.52 -15.10
N PHE B 246 -12.44 -9.26 -14.71
CA PHE B 246 -11.25 -8.53 -14.29
C PHE B 246 -10.64 -9.16 -13.03
N LEU B 247 -11.50 -9.44 -12.05
CA LEU B 247 -11.08 -10.03 -10.78
C LEU B 247 -10.37 -11.36 -10.99
N GLU B 248 -10.96 -12.25 -11.78
CA GLU B 248 -10.35 -13.56 -12.00
C GLU B 248 -9.00 -13.45 -12.72
N ARG B 249 -8.89 -12.49 -13.64
CA ARG B 249 -7.62 -12.30 -14.35
C ARG B 249 -6.57 -11.74 -13.36
N LEU B 250 -7.02 -10.89 -12.43
CA LEU B 250 -6.14 -10.31 -11.41
C LEU B 250 -5.59 -11.41 -10.51
N VAL B 251 -6.50 -12.22 -9.96
CA VAL B 251 -6.15 -13.32 -9.08
C VAL B 251 -5.25 -14.32 -9.80
N ALA B 252 -5.56 -14.59 -11.08
CA ALA B 252 -4.76 -15.52 -11.87
C ALA B 252 -3.36 -14.97 -12.09
N HIS B 253 -3.27 -13.66 -12.25
CA HIS B 253 -1.98 -12.99 -12.45
C HIS B 253 -1.11 -13.12 -11.21
N ALA B 254 -1.72 -12.94 -10.04
CA ALA B 254 -0.99 -13.07 -8.77
C ALA B 254 -0.52 -14.50 -8.57
N ILE B 255 -1.40 -15.47 -8.86
CA ILE B 255 -1.05 -16.88 -8.71
C ILE B 255 0.09 -17.28 -9.65
N ASN B 256 0.06 -16.83 -10.91
CA ASN B 256 1.12 -17.17 -11.83
C ASN B 256 2.44 -16.51 -11.48
N TYR B 257 2.39 -15.31 -10.91
CA TYR B 257 3.60 -14.60 -10.53
C TYR B 257 4.32 -15.41 -9.46
N VAL B 258 3.56 -15.92 -8.49
CA VAL B 258 4.12 -16.74 -7.42
C VAL B 258 4.74 -18.03 -8.00
N ARG B 259 4.06 -18.63 -8.98
CA ARG B 259 4.56 -19.84 -9.60
C ARG B 259 5.88 -19.63 -10.36
N GLU B 260 6.00 -18.48 -11.03
CA GLU B 260 7.20 -18.13 -11.81
C GLU B 260 8.36 -17.61 -10.96
N HIS B 261 8.03 -16.69 -10.05
CA HIS B 261 9.01 -16.03 -9.19
C HIS B 261 9.36 -16.69 -7.86
N ASN B 262 8.44 -17.45 -7.28
CA ASN B 262 8.69 -18.07 -5.99
C ASN B 262 8.69 -19.60 -5.98
N ALA B 263 9.25 -20.21 -7.02
CA ALA B 263 9.31 -21.67 -7.12
C ALA B 263 10.11 -22.25 -5.96
N LYS B 264 11.17 -21.55 -5.57
CA LYS B 264 12.02 -21.99 -4.46
C LYS B 264 11.21 -22.07 -3.17
N GLU B 265 10.44 -21.03 -2.88
CA GLU B 265 9.61 -20.97 -1.68
C GLU B 265 8.52 -22.03 -1.68
N LEU B 266 7.89 -22.24 -2.83
CA LEU B 266 6.85 -23.26 -3.00
C LEU B 266 7.42 -24.65 -2.72
N ASP B 267 8.64 -24.89 -3.20
CA ASP B 267 9.33 -26.16 -3.00
C ASP B 267 9.62 -26.36 -1.51
N ILE B 268 10.05 -25.30 -0.84
CA ILE B 268 10.36 -25.34 0.59
C ILE B 268 9.10 -25.70 1.38
N LEU B 269 7.96 -25.22 0.90
CA LEU B 269 6.67 -25.48 1.53
C LEU B 269 6.09 -26.82 1.06
N ASN B 270 6.80 -27.54 0.20
CA ASN B 270 6.34 -28.82 -0.36
C ASN B 270 4.92 -28.66 -0.91
N PHE B 271 4.73 -27.60 -1.68
CA PHE B 271 3.43 -27.27 -2.23
C PHE B 271 3.46 -27.06 -3.75
N GLU B 272 2.46 -27.61 -4.43
CA GLU B 272 2.35 -27.46 -5.87
C GLU B 272 1.17 -26.53 -6.15
N LEU B 273 1.49 -25.28 -6.47
CA LEU B 273 0.46 -24.29 -6.77
C LEU B 273 0.03 -24.50 -8.23
N GLU B 274 -1.26 -24.81 -8.39
CA GLU B 274 -1.86 -25.08 -9.69
C GLU B 274 -1.91 -23.89 -10.64
N GLU B 275 -1.77 -24.18 -11.93
CA GLU B 275 -1.84 -23.16 -12.96
C GLU B 275 -3.31 -22.80 -13.14
N PRO B 276 -3.65 -21.51 -13.03
CA PRO B 276 -5.04 -21.05 -13.18
C PRO B 276 -5.65 -21.45 -14.53
N LYS B 277 -6.92 -21.84 -14.50
CA LYS B 277 -7.65 -22.22 -15.71
C LYS B 277 -8.79 -21.22 -15.87
N LEU B 278 -8.61 -20.26 -16.76
CA LEU B 278 -9.63 -19.23 -16.99
C LEU B 278 -10.53 -19.60 -18.17
N PRO B 279 -11.84 -19.26 -18.08
CA PRO B 279 -12.49 -18.58 -16.97
C PRO B 279 -12.95 -19.56 -15.90
N PHE B 280 -13.00 -19.11 -14.64
CA PHE B 280 -13.43 -19.93 -13.52
C PHE B 280 -14.91 -20.27 -13.68
N PRO B 281 -15.36 -21.41 -13.13
CA PRO B 281 -16.77 -21.78 -13.23
C PRO B 281 -17.63 -20.76 -12.48
N ARG B 282 -18.82 -20.49 -13.03
CA ARG B 282 -19.81 -19.60 -12.42
C ARG B 282 -20.93 -20.51 -11.96
N VAL B 283 -21.32 -20.37 -10.68
CA VAL B 283 -22.39 -21.18 -10.10
C VAL B 283 -23.39 -20.22 -9.48
N SER B 284 -24.62 -20.23 -9.99
CA SER B 284 -25.66 -19.35 -9.47
C SER B 284 -26.02 -19.80 -8.06
N TYR B 285 -26.60 -18.88 -7.30
CA TYR B 285 -27.02 -19.16 -5.92
C TYR B 285 -28.07 -20.28 -5.91
N ASP B 286 -29.02 -20.23 -6.85
CA ASP B 286 -30.06 -21.25 -6.95
C ASP B 286 -29.42 -22.62 -7.12
N LYS B 287 -28.51 -22.72 -8.07
CA LYS B 287 -27.80 -23.94 -8.36
C LYS B 287 -26.96 -24.40 -7.17
N ALA B 288 -26.41 -23.44 -6.41
CA ALA B 288 -25.61 -23.77 -5.23
C ALA B 288 -26.48 -24.41 -4.14
N LEU B 289 -27.66 -23.86 -3.93
CA LEU B 289 -28.60 -24.38 -2.93
C LEU B 289 -29.08 -25.78 -3.29
N GLU B 290 -29.22 -26.04 -4.59
CA GLU B 290 -29.67 -27.34 -5.09
C GLU B 290 -28.59 -28.39 -4.82
N ILE B 291 -27.34 -28.04 -5.10
CA ILE B 291 -26.21 -28.94 -4.88
C ILE B 291 -26.08 -29.26 -3.39
N LEU B 292 -26.17 -28.23 -2.55
CA LEU B 292 -26.06 -28.40 -1.11
C LEU B 292 -27.20 -29.24 -0.54
N GLY B 293 -28.39 -29.06 -1.11
CA GLY B 293 -29.55 -29.80 -0.64
C GLY B 293 -29.35 -31.30 -0.80
N ASP B 294 -28.79 -31.69 -1.94
CA ASP B 294 -28.52 -33.10 -2.23
C ASP B 294 -27.39 -33.66 -1.35
N LEU B 295 -26.66 -32.76 -0.69
CA LEU B 295 -25.57 -33.15 0.21
C LEU B 295 -26.03 -33.09 1.66
N GLY B 296 -27.32 -32.81 1.87
CA GLY B 296 -27.86 -32.77 3.22
C GLY B 296 -27.91 -31.40 3.87
N LYS B 297 -27.24 -30.42 3.26
CA LYS B 297 -27.22 -29.05 3.79
C LYS B 297 -28.38 -28.27 3.18
N GLU B 298 -29.42 -28.04 4.00
CA GLU B 298 -30.60 -27.31 3.54
C GLU B 298 -30.61 -25.84 4.00
N ILE B 299 -30.49 -24.93 3.03
CA ILE B 299 -30.51 -23.49 3.29
C ILE B 299 -31.79 -22.96 2.66
N PRO B 300 -32.65 -22.29 3.44
CA PRO B 300 -33.89 -21.74 2.90
C PRO B 300 -33.52 -20.67 1.89
N TRP B 301 -34.22 -20.66 0.76
CA TRP B 301 -33.97 -19.66 -0.28
C TRP B 301 -34.14 -18.25 0.29
N GLY B 302 -33.12 -17.43 0.14
CA GLY B 302 -33.19 -16.06 0.63
C GLY B 302 -32.10 -15.72 1.62
N GLU B 303 -31.61 -16.72 2.34
CA GLU B 303 -30.55 -16.47 3.32
C GLU B 303 -29.17 -16.89 2.85
N ASP B 304 -28.14 -16.45 3.58
CA ASP B 304 -26.76 -16.73 3.24
C ASP B 304 -26.33 -18.19 3.32
N ILE B 305 -25.36 -18.53 2.48
CA ILE B 305 -24.78 -19.85 2.47
C ILE B 305 -23.72 -19.69 3.56
N ASP B 306 -23.75 -20.55 4.58
CA ASP B 306 -22.80 -20.47 5.68
C ASP B 306 -21.44 -21.14 5.46
N THR B 307 -20.64 -21.18 6.52
CA THR B 307 -19.30 -21.76 6.53
C THR B 307 -19.27 -23.20 6.01
N GLU B 308 -20.18 -24.01 6.53
CA GLU B 308 -20.29 -25.41 6.15
C GLU B 308 -20.68 -25.54 4.67
N GLY B 309 -21.59 -24.66 4.23
CA GLY B 309 -22.03 -24.67 2.84
C GLY B 309 -20.87 -24.40 1.89
N GLU B 310 -20.10 -23.36 2.17
CA GLU B 310 -18.96 -23.02 1.32
C GLU B 310 -18.00 -24.19 1.23
N ARG B 311 -17.75 -24.83 2.39
CA ARG B 311 -16.85 -25.99 2.46
C ARG B 311 -17.33 -27.15 1.59
N LEU B 312 -18.62 -27.48 1.69
CA LEU B 312 -19.20 -28.56 0.89
C LEU B 312 -19.14 -28.24 -0.60
N LEU B 313 -19.45 -26.99 -0.95
CA LEU B 313 -19.42 -26.54 -2.34
C LEU B 313 -18.01 -26.55 -2.91
N GLY B 314 -17.05 -26.02 -2.15
CA GLY B 314 -15.66 -25.98 -2.60
C GLY B 314 -15.15 -27.37 -2.93
N LYS B 315 -15.57 -28.35 -2.13
CA LYS B 315 -15.19 -29.73 -2.30
C LYS B 315 -15.89 -30.32 -3.53
N TYR B 316 -17.15 -29.94 -3.71
CA TYR B 316 -17.95 -30.41 -4.85
C TYR B 316 -17.32 -29.94 -6.16
N MET B 317 -16.97 -28.66 -6.22
CA MET B 317 -16.37 -28.05 -7.40
C MET B 317 -15.00 -28.65 -7.72
N MET B 318 -14.29 -29.10 -6.70
CA MET B 318 -12.99 -29.70 -6.89
C MET B 318 -13.14 -31.11 -7.49
N GLU B 319 -14.07 -31.87 -6.94
CA GLU B 319 -14.33 -33.24 -7.41
C GLU B 319 -14.96 -33.31 -8.80
N ASN B 320 -15.89 -32.40 -9.08
CA ASN B 320 -16.59 -32.36 -10.36
C ASN B 320 -16.01 -31.49 -11.47
N GLU B 321 -15.25 -30.47 -11.12
CA GLU B 321 -14.68 -29.56 -12.12
C GLU B 321 -13.18 -29.36 -11.98
N ASN B 322 -12.57 -29.97 -10.96
CA ASN B 322 -11.15 -29.80 -10.69
C ASN B 322 -10.91 -28.28 -10.63
N ALA B 323 -11.80 -27.60 -9.92
CA ALA B 323 -11.75 -26.15 -9.79
C ALA B 323 -11.49 -25.65 -8.38
N PRO B 324 -10.26 -25.18 -8.09
CA PRO B 324 -9.97 -24.66 -6.75
C PRO B 324 -10.56 -23.27 -6.58
N LEU B 325 -10.91 -22.65 -7.72
CA LEU B 325 -11.49 -21.30 -7.74
C LEU B 325 -12.76 -21.23 -8.57
N TYR B 326 -13.83 -20.66 -8.01
CA TYR B 326 -15.09 -20.55 -8.73
C TYR B 326 -15.91 -19.41 -8.16
N PHE B 327 -16.87 -18.92 -8.95
CA PHE B 327 -17.76 -17.83 -8.56
C PHE B 327 -19.17 -18.27 -8.16
N LEU B 328 -19.75 -17.55 -7.21
CA LEU B 328 -21.12 -17.75 -6.79
C LEU B 328 -21.74 -16.41 -7.17
N TYR B 329 -22.83 -16.42 -7.92
CA TYR B 329 -23.45 -15.17 -8.31
C TYR B 329 -24.97 -15.26 -8.38
N GLN B 330 -25.60 -14.14 -8.76
CA GLN B 330 -27.06 -14.03 -8.86
C GLN B 330 -27.71 -14.38 -7.53
N TYR B 331 -27.26 -13.66 -6.50
CA TYR B 331 -27.73 -13.81 -5.14
C TYR B 331 -29.07 -13.12 -4.96
N PRO B 332 -29.84 -13.55 -3.95
CA PRO B 332 -31.15 -12.93 -3.68
C PRO B 332 -30.86 -11.48 -3.28
N SER B 333 -31.68 -10.55 -3.76
CA SER B 333 -31.50 -9.13 -3.43
C SER B 333 -31.59 -8.86 -1.93
N GLU B 334 -32.41 -9.64 -1.23
CA GLU B 334 -32.61 -9.49 0.21
C GLU B 334 -31.37 -9.91 1.02
N ALA B 335 -30.50 -10.70 0.41
CA ALA B 335 -29.29 -11.20 1.05
C ALA B 335 -28.05 -10.32 0.85
N LYS B 336 -28.19 -9.32 -0.02
CA LYS B 336 -27.08 -8.41 -0.34
C LYS B 336 -27.35 -6.94 0.01
N PRO B 337 -26.27 -6.13 0.09
CA PRO B 337 -26.34 -4.70 0.44
C PRO B 337 -27.25 -3.84 -0.42
N PHE B 338 -27.71 -2.72 0.14
CA PHE B 338 -28.59 -1.79 -0.55
C PHE B 338 -27.97 -1.14 -1.79
N TYR B 339 -26.63 -1.12 -1.85
CA TYR B 339 -25.93 -0.50 -2.97
C TYR B 339 -25.70 -1.42 -4.17
N ILE B 340 -26.19 -2.66 -4.10
CA ILE B 340 -26.04 -3.57 -5.24
C ILE B 340 -27.24 -3.37 -6.18
N MET B 341 -26.99 -3.44 -7.48
CA MET B 341 -28.05 -3.27 -8.47
C MET B 341 -28.80 -4.58 -8.65
N LYS B 342 -30.13 -4.51 -8.62
CA LYS B 342 -30.97 -5.69 -8.84
C LYS B 342 -31.08 -5.94 -10.34
N TYR B 343 -31.47 -7.16 -10.71
CA TYR B 343 -31.68 -7.47 -12.12
C TYR B 343 -33.05 -6.82 -12.39
N ASP B 344 -33.07 -5.79 -13.24
CA ASP B 344 -34.32 -5.09 -13.57
C ASP B 344 -35.47 -6.01 -14.01
N ASN B 345 -35.13 -7.08 -14.73
CA ASN B 345 -36.13 -8.03 -15.22
C ASN B 345 -36.48 -9.18 -14.27
N LYS B 346 -35.79 -9.23 -13.12
CA LYS B 346 -36.03 -10.25 -12.10
C LYS B 346 -35.45 -9.72 -10.79
N PRO B 347 -36.09 -8.67 -10.22
CA PRO B 347 -35.78 -7.95 -8.99
C PRO B 347 -35.44 -8.77 -7.75
N GLU B 348 -35.88 -10.02 -7.69
CA GLU B 348 -35.60 -10.86 -6.52
C GLU B 348 -34.13 -11.28 -6.46
N ILE B 349 -33.43 -11.21 -7.59
CA ILE B 349 -32.01 -11.55 -7.63
C ILE B 349 -31.21 -10.28 -7.97
N CYS B 350 -29.94 -10.25 -7.57
CA CYS B 350 -29.12 -9.08 -7.81
C CYS B 350 -27.78 -9.38 -8.46
N ARG B 351 -27.10 -8.33 -8.87
CA ARG B 351 -25.81 -8.43 -9.55
C ARG B 351 -24.58 -8.50 -8.64
N ALA B 352 -24.67 -9.31 -7.59
CA ALA B 352 -23.58 -9.49 -6.63
C ALA B 352 -22.90 -10.83 -6.85
N PHE B 353 -21.64 -10.93 -6.44
CA PHE B 353 -20.87 -12.16 -6.60
C PHE B 353 -19.84 -12.32 -5.48
N ASP B 354 -19.38 -13.56 -5.30
CA ASP B 354 -18.37 -13.92 -4.32
C ASP B 354 -17.42 -14.88 -4.99
N LEU B 355 -16.12 -14.71 -4.76
CA LEU B 355 -15.12 -15.61 -5.33
C LEU B 355 -14.65 -16.55 -4.21
N GLU B 356 -14.72 -17.85 -4.47
CA GLU B 356 -14.34 -18.89 -3.52
C GLU B 356 -13.03 -19.57 -3.91
N TYR B 357 -12.10 -19.63 -2.97
CA TYR B 357 -10.79 -20.26 -3.20
C TYR B 357 -10.68 -21.40 -2.19
N ARG B 358 -10.63 -22.63 -2.68
CA ARG B 358 -10.55 -23.83 -1.84
C ARG B 358 -11.65 -23.86 -0.78
N GLY B 359 -12.86 -23.49 -1.19
CA GLY B 359 -14.00 -23.50 -0.28
C GLY B 359 -14.18 -22.34 0.65
N VAL B 360 -13.35 -21.31 0.52
CA VAL B 360 -13.45 -20.14 1.38
C VAL B 360 -13.55 -18.87 0.55
N GLU B 361 -14.44 -17.97 0.95
CA GLU B 361 -14.65 -16.72 0.24
C GLU B 361 -13.46 -15.79 0.43
N ILE B 362 -12.87 -15.35 -0.68
CA ILE B 362 -11.73 -14.44 -0.62
C ILE B 362 -12.10 -13.06 -1.14
N SER B 363 -13.25 -12.97 -1.82
CA SER B 363 -13.68 -11.70 -2.39
C SER B 363 -15.18 -11.63 -2.68
N SER B 364 -15.74 -10.44 -2.58
CA SER B 364 -17.14 -10.22 -2.91
C SER B 364 -17.26 -8.85 -3.58
N GLY B 365 -18.26 -8.70 -4.44
CA GLY B 365 -18.45 -7.43 -5.13
C GLY B 365 -19.69 -7.50 -6.00
N GLY B 366 -19.74 -6.63 -7.00
CA GLY B 366 -20.88 -6.63 -7.92
C GLY B 366 -21.10 -5.28 -8.56
N GLN B 367 -22.14 -5.18 -9.40
CA GLN B 367 -22.47 -3.91 -10.02
C GLN B 367 -23.33 -3.14 -9.04
N ARG B 368 -23.03 -1.86 -8.87
CA ARG B 368 -23.77 -1.01 -7.94
C ARG B 368 -24.99 -0.36 -8.57
N GLU B 369 -25.84 0.21 -7.72
CA GLU B 369 -27.02 0.92 -8.18
C GLU B 369 -26.63 2.39 -8.28
N HIS B 370 -26.35 2.83 -9.51
CA HIS B 370 -25.92 4.21 -9.76
C HIS B 370 -27.07 5.22 -9.93
N ARG B 371 -28.30 4.73 -10.01
CA ARG B 371 -29.47 5.58 -10.19
C ARG B 371 -30.03 6.03 -8.83
N HIS B 372 -29.74 7.29 -8.50
CA HIS B 372 -30.12 7.91 -7.24
C HIS B 372 -31.45 7.54 -6.61
N ASP B 373 -32.55 7.71 -7.34
CA ASP B 373 -33.86 7.40 -6.80
C ASP B 373 -34.08 5.94 -6.44
N ILE B 374 -33.56 5.03 -7.26
CA ILE B 374 -33.69 3.60 -7.00
C ILE B 374 -32.85 3.26 -5.76
N LEU B 375 -31.63 3.82 -5.70
CA LEU B 375 -30.72 3.61 -4.57
C LEU B 375 -31.38 4.04 -3.26
N VAL B 376 -32.00 5.23 -3.25
CA VAL B 376 -32.68 5.75 -2.07
C VAL B 376 -33.76 4.79 -1.58
N GLU B 377 -34.51 4.22 -2.53
CA GLU B 377 -35.57 3.27 -2.20
C GLU B 377 -35.02 1.97 -1.63
N GLN B 378 -33.85 1.55 -2.10
CA GLN B 378 -33.24 0.33 -1.61
C GLN B 378 -32.72 0.50 -0.18
N ILE B 379 -32.36 1.72 0.19
CA ILE B 379 -31.90 2.03 1.54
C ILE B 379 -33.14 1.92 2.43
N LYS B 380 -34.25 2.49 1.98
CA LYS B 380 -35.52 2.41 2.72
C LYS B 380 -35.95 0.96 2.91
N GLU B 381 -35.77 0.14 1.87
CA GLU B 381 -36.14 -1.28 1.92
C GLU B 381 -35.31 -2.05 2.94
N LYS B 382 -34.10 -1.58 3.20
CA LYS B 382 -33.23 -2.22 4.18
C LYS B 382 -33.61 -1.75 5.58
N GLY B 383 -34.60 -0.86 5.65
CA GLY B 383 -35.06 -0.34 6.91
C GLY B 383 -34.13 0.73 7.47
N LEU B 384 -33.34 1.34 6.60
CA LEU B 384 -32.39 2.39 7.00
C LEU B 384 -32.89 3.78 6.62
N ASN B 385 -32.27 4.80 7.22
CA ASN B 385 -32.61 6.20 6.97
C ASN B 385 -31.68 6.80 5.90
N PRO B 386 -32.24 7.18 4.74
CA PRO B 386 -31.49 7.78 3.63
C PRO B 386 -30.75 9.06 4.01
N GLU B 387 -31.34 9.85 4.91
CA GLU B 387 -30.72 11.10 5.35
C GLU B 387 -29.36 10.87 6.01
N SER B 388 -29.14 9.65 6.52
CA SER B 388 -27.89 9.27 7.17
C SER B 388 -26.76 9.04 6.19
N PHE B 389 -27.09 8.86 4.91
CA PHE B 389 -26.10 8.62 3.86
C PHE B 389 -26.05 9.75 2.84
N GLU B 390 -26.48 10.93 3.27
CA GLU B 390 -26.53 12.12 2.43
C GLU B 390 -25.23 12.52 1.72
N PHE B 391 -24.11 12.49 2.44
CA PHE B 391 -22.81 12.85 1.86
C PHE B 391 -22.48 11.93 0.68
N TYR B 392 -22.97 10.70 0.75
CA TYR B 392 -22.76 9.67 -0.25
C TYR B 392 -23.75 9.79 -1.42
N LEU B 393 -25.02 9.94 -1.07
CA LEU B 393 -26.08 10.08 -2.08
C LEU B 393 -25.90 11.30 -2.96
N LYS B 394 -25.30 12.35 -2.40
CA LYS B 394 -25.05 13.59 -3.13
C LYS B 394 -24.21 13.36 -4.39
N ALA B 395 -23.28 12.41 -4.31
CA ALA B 395 -22.41 12.09 -5.43
C ALA B 395 -23.13 11.41 -6.60
N PHE B 396 -24.37 10.95 -6.37
CA PHE B 396 -25.17 10.29 -7.39
C PHE B 396 -26.11 11.26 -8.13
N ARG B 397 -26.09 12.52 -7.74
CA ARG B 397 -26.98 13.51 -8.35
C ARG B 397 -26.40 14.41 -9.44
N TYR B 398 -25.09 14.40 -9.62
CA TYR B 398 -24.49 15.30 -10.60
C TYR B 398 -23.71 14.62 -11.72
N GLY B 399 -24.30 13.54 -12.24
CA GLY B 399 -23.67 12.78 -13.31
C GLY B 399 -22.84 11.64 -12.75
N MET B 400 -23.50 10.51 -12.48
CA MET B 400 -22.83 9.32 -11.95
C MET B 400 -22.92 8.19 -12.97
N PRO B 401 -21.78 7.70 -13.48
CA PRO B 401 -21.82 6.61 -14.47
C PRO B 401 -22.09 5.25 -13.84
N PRO B 402 -22.44 4.23 -14.67
CA PRO B 402 -22.70 2.89 -14.15
C PRO B 402 -21.36 2.42 -13.57
N HIS B 403 -21.38 1.63 -12.50
CA HIS B 403 -20.13 1.17 -11.91
C HIS B 403 -20.28 -0.07 -11.04
N GLY B 404 -19.15 -0.73 -10.79
CA GLY B 404 -19.14 -1.92 -9.96
C GLY B 404 -17.74 -2.15 -9.43
N GLY B 405 -17.60 -3.06 -8.47
CA GLY B 405 -16.29 -3.31 -7.92
C GLY B 405 -16.22 -4.52 -6.99
N PHE B 406 -15.14 -4.63 -6.23
CA PHE B 406 -14.97 -5.76 -5.32
C PHE B 406 -14.03 -5.42 -4.17
N GLY B 407 -14.07 -6.29 -3.16
CA GLY B 407 -13.21 -6.17 -2.00
C GLY B 407 -12.55 -7.54 -1.92
N LEU B 408 -11.23 -7.58 -2.00
CA LEU B 408 -10.46 -8.82 -1.97
C LEU B 408 -9.56 -8.86 -0.72
N GLY B 409 -9.81 -9.84 0.17
CA GLY B 409 -9.02 -9.97 1.38
C GLY B 409 -7.65 -10.51 1.08
N ALA B 410 -6.61 -9.72 1.39
CA ALA B 410 -5.24 -10.13 1.13
C ALA B 410 -4.82 -11.35 1.94
N GLU B 411 -5.17 -11.36 3.23
CA GLU B 411 -4.83 -12.49 4.08
C GLU B 411 -5.54 -13.76 3.59
N ARG B 412 -6.84 -13.67 3.39
CA ARG B 412 -7.58 -14.83 2.92
C ARG B 412 -7.07 -15.33 1.58
N LEU B 413 -6.65 -14.41 0.69
CA LEU B 413 -6.12 -14.79 -0.62
C LEU B 413 -4.86 -15.65 -0.48
N ILE B 414 -3.93 -15.20 0.35
CA ILE B 414 -2.67 -15.91 0.56
C ILE B 414 -2.85 -17.22 1.34
N LYS B 415 -3.71 -17.18 2.37
CA LYS B 415 -4.00 -18.36 3.18
C LYS B 415 -4.58 -19.48 2.29
N GLN B 416 -5.59 -19.15 1.50
CA GLN B 416 -6.19 -20.13 0.61
C GLN B 416 -5.24 -20.57 -0.49
N MET B 417 -4.48 -19.63 -1.04
CA MET B 417 -3.53 -19.95 -2.11
C MET B 417 -2.56 -21.05 -1.70
N LEU B 418 -2.00 -20.92 -0.50
CA LEU B 418 -1.03 -21.87 0.03
C LEU B 418 -1.66 -23.00 0.82
N ASP B 419 -3.00 -23.01 0.88
CA ASP B 419 -3.76 -24.03 1.59
C ASP B 419 -3.30 -24.19 3.04
N LEU B 420 -3.16 -23.05 3.72
CA LEU B 420 -2.73 -23.02 5.10
C LEU B 420 -3.94 -23.13 6.00
N PRO B 421 -3.81 -23.82 7.14
CA PRO B 421 -4.91 -24.00 8.08
C PRO B 421 -5.38 -22.78 8.88
N ASN B 422 -4.48 -21.83 9.14
CA ASN B 422 -4.85 -20.66 9.93
C ASN B 422 -4.42 -19.33 9.29
N ILE B 423 -5.32 -18.34 9.33
CA ILE B 423 -5.04 -17.03 8.76
C ILE B 423 -3.86 -16.31 9.46
N ARG B 424 -3.56 -16.71 10.70
CA ARG B 424 -2.47 -16.12 11.47
C ARG B 424 -1.09 -16.43 10.90
N GLU B 425 -1.04 -17.40 9.98
CA GLU B 425 0.21 -17.80 9.33
C GLU B 425 0.63 -16.85 8.20
N VAL B 426 -0.30 -15.99 7.75
CA VAL B 426 -0.02 -15.06 6.64
C VAL B 426 0.11 -13.57 6.95
N ILE B 427 0.00 -13.21 8.22
CA ILE B 427 0.17 -11.82 8.64
C ILE B 427 1.10 -11.83 9.87
N LEU B 428 2.11 -10.96 9.86
CA LEU B 428 3.11 -10.91 10.93
C LEU B 428 2.62 -10.79 12.36
N PHE B 429 1.79 -9.79 12.64
CA PHE B 429 1.29 -9.57 13.99
C PHE B 429 -0.23 -9.49 14.05
N PRO B 430 -0.88 -10.67 14.14
CA PRO B 430 -2.34 -10.78 14.20
C PRO B 430 -3.03 -10.01 15.32
N ARG B 431 -4.27 -9.61 15.06
CA ARG B 431 -5.11 -8.91 16.02
C ARG B 431 -6.42 -9.67 16.12
N ASP B 432 -6.73 -10.16 17.31
CA ASP B 432 -8.00 -10.87 17.50
C ASP B 432 -8.57 -10.56 18.88
N ARG B 433 -9.64 -11.24 19.24
CA ARG B 433 -10.31 -11.04 20.52
C ARG B 433 -9.41 -11.00 21.76
N ARG B 434 -8.38 -11.84 21.78
CA ARG B 434 -7.46 -11.91 22.92
C ARG B 434 -6.02 -11.50 22.62
N ARG B 435 -5.72 -11.14 21.38
CA ARG B 435 -4.35 -10.74 21.02
C ARG B 435 -4.20 -9.29 20.58
N LEU B 436 -3.58 -8.49 21.45
CA LEU B 436 -3.31 -7.06 21.20
C LEU B 436 -1.78 -6.82 21.13
N THR B 437 -0.99 -7.83 21.46
CA THR B 437 0.47 -7.74 21.44
C THR B 437 1.10 -9.00 20.86
N PRO B 438 2.33 -8.90 20.30
CA PRO B 438 3.16 -7.69 20.17
C PRO B 438 2.58 -6.57 19.29
N ASP C . 9.95 6.63 13.35
CA ASP C . 10.44 7.98 12.96
C ASP C . 9.33 9.02 13.00
O ASP C . 8.18 8.71 13.33
CB ASP C . 11.05 7.90 11.56
CG ASP C . 12.23 6.95 11.52
OD1 ASP C . 12.18 5.95 10.78
OD2 ASP C . 13.23 7.21 12.23
OXT ASP C . 9.71 10.15 12.71
#